data_8WQJ
#
_entry.id   8WQJ
#
_cell.length_a   64.710
_cell.length_b   73.440
_cell.length_c   184.900
_cell.angle_alpha   90.00
_cell.angle_beta   90.00
_cell.angle_gamma   90.00
#
_symmetry.space_group_name_H-M   'P 21 21 21'
#
loop_
_entity.id
_entity.type
_entity.pdbx_description
1 polymer 'Transaminase from Shimia marina'
2 non-polymer "PYRIDOXAL-5'-PHOSPHATE"
3 non-polymer 'CHLORIDE ION'
4 water water
#
_entity_poly.entity_id   1
_entity_poly.type   'polypeptide(L)'
_entity_poly.pdbx_seq_one_letter_code
;MASMTGGQQMGRGSMNAITNHLPTAELQALDVAHHMHPFSTQNDFNDTGARVITQAKGVTLTDSEGAQILDAMAGLWCVN
IGYGREELADVAARQMRELPYYNTFFKTTHVPVIALSAKLAELAPGDLNHVFYAGSGSEANDTNMRLVRHYWSAKGKPSK
TIFISRKNAYHGSTMAGASLGGMVPMHQQGSLPIPDVHHINQPNWWAEGGDMSPEEFGLQRAQELEEAILELGEDRVAAF
IAEPIQGAGGVIVPPETYWPEIQRICDKYEILLIADEVICGFGRTGNWFGSQTVGIKPHIMSIAKGLSSGYAPIGGSIVC
DEVAEVVAATEFNHGYTYSGHPVACAVALENLRIIEEENIIGHVRDDVAPYLKEKWEALADHPLVGEAKIVGMMGSIALT
PNKETRAPFAADTGTVGYKCREHCFGNNLVMRHVGDRMIISPPLVMTRDEVDTLIERATRALDLTFEQIKAEDLYKSSSV
DKLAAALEHHHHHH
;
_entity_poly.pdbx_strand_id   A,B
#
# COMPACT_ATOMS: atom_id res chain seq x y z
N ASN A 16 -11.30 9.91 -26.00
CA ASN A 16 -10.35 9.86 -24.87
C ASN A 16 -9.22 8.86 -25.15
N ALA A 17 -8.49 9.04 -26.26
CA ALA A 17 -7.40 8.13 -26.66
C ALA A 17 -6.06 8.79 -26.38
N ILE A 18 -5.41 8.37 -25.30
CA ILE A 18 -4.12 8.90 -24.87
C ILE A 18 -3.09 7.78 -25.02
N THR A 19 -2.18 7.94 -25.98
CA THR A 19 -1.16 6.94 -26.28
C THR A 19 0.17 7.60 -26.59
N ASN A 20 1.18 6.75 -26.77
CA ASN A 20 2.52 7.13 -27.22
C ASN A 20 2.51 8.04 -28.45
N HIS A 21 1.46 8.00 -29.27
CA HIS A 21 1.40 8.79 -30.50
C HIS A 21 1.14 10.27 -30.23
N LEU A 22 0.59 10.61 -29.07
CA LEU A 22 0.29 11.99 -28.76
C LEU A 22 1.59 12.79 -28.61
N PRO A 23 1.58 14.06 -29.02
CA PRO A 23 2.75 14.93 -28.79
C PRO A 23 3.08 15.03 -27.31
N THR A 24 4.37 15.20 -27.01
CA THR A 24 4.81 15.31 -25.62
C THR A 24 4.09 16.46 -24.91
N ALA A 25 4.03 17.63 -25.55
CA ALA A 25 3.36 18.80 -24.98
C ALA A 25 1.91 18.51 -24.58
N GLU A 26 1.18 17.75 -25.40
CA GLU A 26 -0.19 17.38 -25.06
C GLU A 26 -0.24 16.39 -23.90
N LEU A 27 0.65 15.40 -23.91
CA LEU A 27 0.69 14.42 -22.82
C LEU A 27 0.99 15.13 -21.49
N GLN A 28 1.95 16.05 -21.50
CA GLN A 28 2.28 16.78 -20.29
C GLN A 28 1.09 17.60 -19.77
N ALA A 29 0.29 18.18 -20.67
CA ALA A 29 -0.89 18.94 -20.24
C ALA A 29 -1.93 18.04 -19.59
N LEU A 30 -2.08 16.80 -20.08
CA LEU A 30 -3.04 15.88 -19.46
C LEU A 30 -2.53 15.42 -18.10
N ASP A 31 -1.24 15.11 -18.03
CA ASP A 31 -0.57 14.78 -16.79
C ASP A 31 -0.83 15.84 -15.70
N VAL A 32 -0.42 17.09 -15.93
CA VAL A 32 -0.59 18.08 -14.86
C VAL A 32 -2.07 18.30 -14.56
N ALA A 33 -2.95 18.20 -15.56
CA ALA A 33 -4.37 18.45 -15.32
C ALA A 33 -5.04 17.37 -14.47
N HIS A 34 -4.59 16.13 -14.53
CA HIS A 34 -5.34 15.07 -13.84
C HIS A 34 -4.51 14.17 -12.93
N HIS A 35 -3.19 14.21 -13.03
CA HIS A 35 -2.29 13.30 -12.35
C HIS A 35 -1.57 14.08 -11.25
N MET A 36 -1.90 13.79 -9.99
CA MET A 36 -1.24 14.41 -8.84
C MET A 36 0.01 13.61 -8.51
N HIS A 37 1.18 14.22 -8.69
CA HIS A 37 2.42 13.48 -8.53
C HIS A 37 2.80 13.36 -7.07
N PRO A 38 3.42 12.24 -6.69
CA PRO A 38 3.97 12.09 -5.35
C PRO A 38 5.14 13.02 -5.11
N PHE A 39 5.29 13.46 -3.86
CA PHE A 39 6.46 14.23 -3.41
C PHE A 39 6.79 15.38 -4.37
N SER A 40 5.79 16.22 -4.63
CA SER A 40 5.96 17.30 -5.60
C SER A 40 5.13 18.49 -5.17
N THR A 41 5.49 19.64 -5.72
CA THR A 41 4.61 20.78 -5.85
C THR A 41 3.96 20.64 -7.22
N GLN A 42 2.68 20.21 -7.24
CA GLN A 42 2.02 19.91 -8.51
C GLN A 42 2.11 21.09 -9.48
N ASN A 43 2.13 22.31 -8.96
CA ASN A 43 2.04 23.47 -9.86
C ASN A 43 3.32 23.72 -10.65
N ASP A 44 4.47 23.28 -10.17
CA ASP A 44 5.63 23.56 -11.02
C ASP A 44 5.71 22.63 -12.23
N PHE A 45 4.78 21.67 -12.36
CA PHE A 45 4.54 21.02 -13.65
C PHE A 45 3.87 21.97 -14.64
N ASN A 46 3.20 23.01 -14.17
CA ASN A 46 2.74 24.05 -15.08
C ASN A 46 3.92 24.82 -15.64
N ASP A 47 4.94 25.02 -14.83
CA ASP A 47 6.17 25.67 -15.30
C ASP A 47 6.87 24.78 -16.31
N THR A 48 7.35 23.62 -15.86
CA THR A 48 8.01 22.64 -16.71
C THR A 48 7.27 21.31 -16.58
N GLY A 49 6.75 20.80 -17.71
CA GLY A 49 5.98 19.57 -17.68
C GLY A 49 6.84 18.36 -17.39
N ALA A 50 6.18 17.28 -17.00
CA ALA A 50 6.88 16.07 -16.57
C ALA A 50 7.57 15.37 -17.73
N ARG A 51 8.75 14.80 -17.45
CA ARG A 51 9.40 13.95 -18.43
C ARG A 51 8.60 12.67 -18.58
N VAL A 52 8.15 12.37 -19.79
CA VAL A 52 7.33 11.19 -20.05
C VAL A 52 8.28 10.07 -20.41
N ILE A 53 8.34 9.04 -19.58
CA ILE A 53 9.14 7.86 -19.90
C ILE A 53 8.26 6.88 -20.67
N THR A 54 8.73 6.48 -21.86
CA THR A 54 7.95 5.63 -22.74
C THR A 54 8.44 4.19 -22.83
N GLN A 55 9.73 3.93 -22.62
CA GLN A 55 10.22 2.55 -22.69
C GLN A 55 11.54 2.45 -21.93
N ALA A 56 11.94 1.21 -21.66
CA ALA A 56 13.22 0.97 -21.00
C ALA A 56 13.69 -0.44 -21.30
N LYS A 57 15.01 -0.60 -21.31
CA LYS A 57 15.64 -1.90 -21.57
C LYS A 57 17.03 -1.89 -20.92
N GLY A 58 17.37 -3.00 -20.29
CA GLY A 58 18.63 -3.09 -19.57
C GLY A 58 18.71 -2.05 -18.45
N VAL A 59 19.59 -1.06 -18.63
CA VAL A 59 19.70 0.06 -17.69
C VAL A 59 19.30 1.38 -18.32
N THR A 60 18.74 1.37 -19.53
CA THR A 60 18.52 2.60 -20.28
C THR A 60 17.03 2.92 -20.40
N LEU A 61 16.66 4.15 -20.07
CA LEU A 61 15.34 4.70 -20.30
C LEU A 61 15.29 5.44 -21.63
N THR A 62 14.13 5.42 -22.26
CA THR A 62 13.86 6.32 -23.37
C THR A 62 12.63 7.13 -23.04
N ASP A 63 12.67 8.44 -23.32
CA ASP A 63 11.53 9.30 -23.11
C ASP A 63 10.79 9.56 -24.44
N SER A 64 9.67 10.25 -24.33
CA SER A 64 8.76 10.48 -25.45
C SER A 64 9.38 11.26 -26.59
N GLU A 65 10.53 11.89 -26.36
CA GLU A 65 11.26 12.56 -27.43
C GLU A 65 12.41 11.71 -27.96
N GLY A 66 12.53 10.46 -27.50
CA GLY A 66 13.57 9.56 -27.94
C GLY A 66 14.91 9.70 -27.23
N ALA A 67 15.03 10.60 -26.24
CA ALA A 67 16.28 10.72 -25.51
C ALA A 67 16.48 9.49 -24.64
N GLN A 68 17.72 9.02 -24.59
CA GLN A 68 18.06 7.84 -23.79
C GLN A 68 18.84 8.25 -22.54
N ILE A 69 18.46 7.67 -21.40
CA ILE A 69 18.95 8.06 -20.08
C ILE A 69 19.47 6.83 -19.38
N LEU A 70 20.71 6.91 -18.86
CA LEU A 70 21.22 5.82 -18.04
C LEU A 70 20.59 5.94 -16.67
N ASP A 71 19.83 4.92 -16.27
CA ASP A 71 19.03 5.00 -15.04
C ASP A 71 19.85 4.45 -13.88
N ALA A 72 20.66 5.33 -13.29
CA ALA A 72 21.50 4.91 -12.16
C ALA A 72 20.72 4.79 -10.85
N MET A 73 19.41 5.02 -10.84
CA MET A 73 18.58 4.87 -9.65
C MET A 73 17.69 3.62 -9.70
N ALA A 74 17.78 2.83 -10.77
CA ALA A 74 16.99 1.60 -10.96
C ALA A 74 15.50 1.87 -10.71
N GLY A 75 14.96 2.79 -11.50
CA GLY A 75 13.58 3.22 -11.30
C GLY A 75 13.43 4.02 -10.03
N LEU A 76 13.16 3.33 -8.92
CA LEU A 76 13.14 3.98 -7.60
C LEU A 76 13.70 2.95 -6.63
N TRP A 77 15.03 2.78 -6.72
CA TRP A 77 15.80 1.80 -5.96
C TRP A 77 15.29 0.37 -6.14
N CYS A 78 14.56 0.04 -7.21
CA CYS A 78 13.84 -1.22 -7.21
C CYS A 78 14.06 -2.11 -8.41
N VAL A 79 14.42 -1.59 -9.58
CA VAL A 79 14.51 -2.42 -10.78
C VAL A 79 15.81 -3.20 -10.75
N ASN A 80 15.88 -4.22 -9.90
CA ASN A 80 17.16 -4.81 -9.57
C ASN A 80 17.70 -5.67 -10.73
N ILE A 81 16.83 -6.42 -11.42
CA ILE A 81 17.29 -7.24 -12.54
C ILE A 81 17.34 -6.45 -13.84
N GLY A 82 17.19 -5.14 -13.74
CA GLY A 82 17.17 -4.29 -14.90
C GLY A 82 15.88 -4.42 -15.67
N TYR A 83 15.74 -3.57 -16.67
CA TYR A 83 14.57 -3.57 -17.51
C TYR A 83 14.70 -4.60 -18.62
N GLY A 84 13.57 -4.91 -19.23
CA GLY A 84 13.53 -5.76 -20.42
C GLY A 84 13.51 -7.24 -20.16
N ARG A 85 13.25 -7.69 -18.94
CA ARG A 85 13.27 -9.12 -18.68
C ARG A 85 11.87 -9.66 -18.98
N GLU A 86 11.69 -10.09 -20.22
CA GLU A 86 10.39 -10.52 -20.70
C GLU A 86 9.85 -11.76 -19.99
N GLU A 87 10.68 -12.50 -19.24
CA GLU A 87 10.18 -13.62 -18.45
C GLU A 87 9.11 -13.18 -17.45
N LEU A 88 9.34 -12.05 -16.80
CA LEU A 88 8.37 -11.58 -15.82
C LEU A 88 7.04 -11.24 -16.49
N ALA A 89 7.06 -10.75 -17.73
CA ALA A 89 5.83 -10.55 -18.49
C ALA A 89 5.15 -11.87 -18.81
N ASP A 90 5.93 -12.88 -19.24
CA ASP A 90 5.33 -14.17 -19.55
C ASP A 90 4.67 -14.78 -18.32
N VAL A 91 5.35 -14.70 -17.18
CA VAL A 91 4.81 -15.26 -15.95
C VAL A 91 3.54 -14.53 -15.54
N ALA A 92 3.55 -13.20 -15.62
CA ALA A 92 2.36 -12.42 -15.25
C ALA A 92 1.19 -12.76 -16.15
N ALA A 93 1.43 -12.76 -17.47
CA ALA A 93 0.36 -13.08 -18.40
C ALA A 93 -0.23 -14.46 -18.10
N ARG A 94 0.63 -15.46 -17.92
CA ARG A 94 0.16 -16.82 -17.68
C ARG A 94 -0.59 -16.92 -16.36
N GLN A 95 -0.13 -16.19 -15.33
CA GLN A 95 -0.89 -16.18 -14.08
C GLN A 95 -2.21 -15.43 -14.26
N MET A 96 -2.21 -14.33 -15.04
CA MET A 96 -3.42 -13.53 -15.22
C MET A 96 -4.50 -14.26 -16.01
N ARG A 97 -4.13 -15.21 -16.87
CA ARG A 97 -5.13 -16.02 -17.53
C ARG A 97 -5.63 -17.14 -16.64
N GLU A 98 -4.74 -17.75 -15.86
CA GLU A 98 -5.14 -18.88 -15.03
C GLU A 98 -5.97 -18.44 -13.83
N LEU A 99 -5.43 -17.51 -13.03
CA LEU A 99 -6.10 -17.05 -11.81
C LEU A 99 -5.59 -15.66 -11.51
N PRO A 100 -6.29 -14.62 -11.99
CA PRO A 100 -5.77 -13.25 -11.89
C PRO A 100 -5.95 -12.62 -10.52
N TYR A 101 -6.86 -13.16 -9.70
CA TYR A 101 -7.01 -12.73 -8.32
C TYR A 101 -7.73 -13.81 -7.54
N TYR A 102 -7.22 -14.12 -6.34
CA TYR A 102 -8.11 -14.63 -5.31
C TYR A 102 -7.61 -14.16 -3.95
N ASN A 103 -8.50 -14.23 -2.96
CA ASN A 103 -8.21 -13.66 -1.65
C ASN A 103 -7.67 -14.73 -0.72
N THR A 104 -6.85 -14.30 0.23
CA THR A 104 -6.37 -15.18 1.28
C THR A 104 -7.11 -14.94 2.59
N PHE A 105 -8.29 -14.32 2.52
CA PHE A 105 -9.14 -13.98 3.66
C PHE A 105 -10.10 -15.09 4.07
N PHE A 106 -10.53 -15.96 3.15
CA PHE A 106 -11.66 -16.86 3.40
C PHE A 106 -11.21 -18.27 3.77
N LYS A 107 -10.17 -18.41 4.59
CA LYS A 107 -9.48 -19.68 4.78
C LYS A 107 -9.12 -20.29 3.42
N THR A 108 -8.63 -19.44 2.53
CA THR A 108 -8.29 -19.78 1.16
C THR A 108 -6.89 -19.28 0.84
N THR A 109 -6.30 -19.84 -0.21
CA THR A 109 -4.93 -19.56 -0.58
C THR A 109 -4.77 -19.93 -2.06
N HIS A 110 -3.56 -19.80 -2.57
CA HIS A 110 -3.27 -20.22 -3.93
C HIS A 110 -1.78 -20.56 -4.00
N VAL A 111 -1.38 -21.19 -5.10
CA VAL A 111 0.01 -21.62 -5.22
C VAL A 111 1.00 -20.47 -5.24
N PRO A 112 0.82 -19.39 -6.00
CA PRO A 112 1.86 -18.32 -6.01
C PRO A 112 2.21 -17.79 -4.64
N VAL A 113 1.23 -17.50 -3.80
CA VAL A 113 1.59 -16.99 -2.49
C VAL A 113 2.25 -18.07 -1.63
N ILE A 114 1.88 -19.34 -1.82
CA ILE A 114 2.51 -20.41 -1.06
C ILE A 114 3.98 -20.56 -1.47
N ALA A 115 4.24 -20.60 -2.77
CA ALA A 115 5.61 -20.78 -3.23
C ALA A 115 6.47 -19.56 -2.88
N LEU A 116 5.95 -18.33 -3.06
CA LEU A 116 6.71 -17.14 -2.72
C LEU A 116 7.09 -17.14 -1.23
N SER A 117 6.14 -17.47 -0.34
CA SER A 117 6.40 -17.50 1.09
C SER A 117 7.50 -18.50 1.43
N ALA A 118 7.44 -19.71 0.86
CA ALA A 118 8.48 -20.70 1.11
C ALA A 118 9.84 -20.23 0.59
N LYS A 119 9.85 -19.54 -0.56
CA LYS A 119 11.12 -19.03 -1.07
C LYS A 119 11.70 -17.94 -0.16
N LEU A 120 10.84 -17.03 0.32
CA LEU A 120 11.31 -15.97 1.20
C LEU A 120 11.81 -16.53 2.54
N ALA A 121 11.12 -17.53 3.08
CA ALA A 121 11.56 -18.15 4.34
C ALA A 121 12.92 -18.82 4.18
N GLU A 122 13.14 -19.49 3.05
CA GLU A 122 14.45 -20.08 2.77
C GLU A 122 15.52 -19.00 2.56
N LEU A 123 15.17 -17.86 1.94
CA LEU A 123 16.19 -16.84 1.69
C LEU A 123 16.48 -15.99 2.93
N ALA A 124 15.46 -15.71 3.74
CA ALA A 124 15.68 -14.90 4.93
C ALA A 124 16.48 -15.70 5.96
N PRO A 125 17.57 -15.17 6.50
CA PRO A 125 18.43 -15.97 7.36
C PRO A 125 17.78 -16.27 8.70
N GLY A 126 18.17 -17.41 9.27
CA GLY A 126 17.74 -17.77 10.60
C GLY A 126 16.28 -18.19 10.67
N ASP A 127 15.60 -17.76 11.73
CA ASP A 127 14.22 -18.15 11.97
C ASP A 127 13.21 -17.20 11.34
N LEU A 128 13.64 -16.34 10.42
CA LEU A 128 12.69 -15.52 9.67
C LEU A 128 12.03 -16.42 8.64
N ASN A 129 10.86 -16.99 8.99
CA ASN A 129 10.25 -18.02 8.17
C ASN A 129 8.79 -17.77 7.83
N HIS A 130 8.24 -16.59 8.11
CA HIS A 130 6.83 -16.32 7.93
C HIS A 130 6.65 -14.95 7.30
N VAL A 131 5.76 -14.86 6.31
CA VAL A 131 5.58 -13.63 5.54
C VAL A 131 4.13 -13.16 5.68
N PHE A 132 3.96 -11.89 6.02
CA PHE A 132 2.67 -11.23 5.92
C PHE A 132 2.76 -10.23 4.80
N TYR A 133 1.83 -10.33 3.85
CA TYR A 133 1.97 -9.60 2.60
C TYR A 133 1.23 -8.27 2.65
N ALA A 134 1.81 -7.31 1.95
CA ALA A 134 1.32 -5.95 1.84
C ALA A 134 1.41 -5.59 0.37
N GLY A 135 1.06 -4.35 0.04
CA GLY A 135 1.18 -3.91 -1.33
C GLY A 135 2.42 -3.09 -1.55
N SER A 136 3.08 -2.70 -0.46
CA SER A 136 4.13 -1.69 -0.51
C SER A 136 4.97 -1.81 0.74
N GLY A 137 6.12 -1.14 0.73
CA GLY A 137 6.93 -1.04 1.93
C GLY A 137 6.27 -0.23 3.02
N SER A 138 5.40 0.73 2.65
CA SER A 138 4.65 1.47 3.66
C SER A 138 3.67 0.56 4.38
N GLU A 139 2.83 -0.16 3.62
CA GLU A 139 1.90 -1.11 4.22
C GLU A 139 2.61 -2.19 5.01
N ALA A 140 3.80 -2.62 4.56
CA ALA A 140 4.57 -3.56 5.37
C ALA A 140 4.89 -2.95 6.72
N ASN A 141 5.19 -1.65 6.77
CA ASN A 141 5.49 -1.06 8.08
C ASN A 141 4.23 -0.81 8.90
N ASP A 142 3.07 -0.61 8.25
CA ASP A 142 1.82 -0.58 9.02
C ASP A 142 1.56 -1.96 9.62
N THR A 143 1.76 -3.02 8.83
CA THR A 143 1.68 -4.38 9.39
C THR A 143 2.57 -4.50 10.61
N ASN A 144 3.84 -4.07 10.49
CA ASN A 144 4.78 -4.22 11.59
C ASN A 144 4.29 -3.53 12.86
N MET A 145 3.72 -2.33 12.72
CA MET A 145 3.25 -1.63 13.92
C MET A 145 2.08 -2.37 14.55
N ARG A 146 1.09 -2.76 13.75
CA ARG A 146 -0.05 -3.48 14.31
C ARG A 146 0.37 -4.87 14.80
N LEU A 147 1.25 -5.56 14.07
CA LEU A 147 1.72 -6.87 14.48
C LEU A 147 2.55 -6.82 15.77
N VAL A 148 3.43 -5.82 15.89
CA VAL A 148 4.37 -5.81 17.02
C VAL A 148 3.67 -5.38 18.30
N ARG A 149 2.84 -4.34 18.22
CA ARG A 149 2.08 -3.93 19.39
C ARG A 149 1.12 -5.04 19.83
N HIS A 150 0.44 -5.66 18.87
CA HIS A 150 -0.43 -6.77 19.20
C HIS A 150 0.37 -7.93 19.78
N TYR A 151 1.59 -8.16 19.30
CA TYR A 151 2.39 -9.25 19.86
C TYR A 151 2.76 -8.98 21.33
N TRP A 152 3.25 -7.78 21.65
CA TRP A 152 3.61 -7.53 23.04
C TRP A 152 2.37 -7.55 23.93
N SER A 153 1.21 -7.22 23.37
CA SER A 153 -0.03 -7.33 24.15
C SER A 153 -0.41 -8.80 24.35
N ALA A 154 -0.28 -9.61 23.29
CA ALA A 154 -0.52 -11.05 23.43
C ALA A 154 0.42 -11.67 24.46
N LYS A 155 1.60 -11.10 24.67
CA LYS A 155 2.56 -11.63 25.63
C LYS A 155 2.27 -11.18 27.05
N GLY A 156 1.16 -10.47 27.28
CA GLY A 156 0.85 -9.97 28.60
C GLY A 156 1.56 -8.68 28.98
N LYS A 157 2.14 -7.98 28.01
CA LYS A 157 2.84 -6.72 28.27
C LYS A 157 2.29 -5.65 27.34
N PRO A 158 1.03 -5.25 27.54
CA PRO A 158 0.39 -4.29 26.61
C PRO A 158 1.00 -2.88 26.63
N SER A 159 1.76 -2.51 27.66
CA SER A 159 2.34 -1.17 27.69
C SER A 159 3.48 -0.99 26.70
N LYS A 160 3.98 -2.06 26.09
CA LYS A 160 5.10 -1.95 25.17
C LYS A 160 4.55 -1.56 23.80
N THR A 161 4.61 -0.27 23.49
CA THR A 161 4.01 0.27 22.28
C THR A 161 4.96 1.11 21.45
N ILE A 162 6.01 1.66 22.05
CA ILE A 162 6.78 2.73 21.41
C ILE A 162 7.69 2.13 20.33
N PHE A 163 7.55 2.60 19.11
CA PHE A 163 8.52 2.29 18.09
C PHE A 163 9.62 3.34 18.15
N ILE A 164 10.86 2.88 18.20
CA ILE A 164 12.02 3.77 18.21
C ILE A 164 12.59 3.76 16.80
N SER A 165 12.80 4.97 16.27
CA SER A 165 13.25 5.16 14.90
C SER A 165 14.34 6.21 14.93
N ARG A 166 14.70 6.76 13.77
CA ARG A 166 15.80 7.70 13.68
C ARG A 166 15.42 8.91 12.83
N LYS A 167 16.09 10.03 13.08
CA LYS A 167 15.97 11.18 12.22
C LYS A 167 16.52 10.86 10.84
N ASN A 168 15.91 11.44 9.81
CA ASN A 168 16.35 11.25 8.43
C ASN A 168 16.22 9.79 7.99
N ALA A 169 15.46 9.00 8.75
CA ALA A 169 15.06 7.68 8.30
C ALA A 169 13.92 7.79 7.30
N TYR A 170 13.74 6.74 6.51
CA TYR A 170 12.61 6.71 5.60
C TYR A 170 11.95 5.35 5.72
N HIS A 171 10.65 5.35 6.02
CA HIS A 171 9.94 4.11 6.23
C HIS A 171 8.60 4.11 5.52
N GLY A 172 8.41 5.00 4.55
CA GLY A 172 7.23 5.02 3.72
C GLY A 172 6.37 6.26 3.96
N SER A 173 5.14 6.19 3.45
CA SER A 173 4.31 7.39 3.31
C SER A 173 2.88 7.23 3.80
N THR A 174 2.49 6.07 4.31
CA THR A 174 1.23 5.95 5.05
C THR A 174 1.32 6.80 6.30
N MET A 175 0.21 6.91 7.05
CA MET A 175 0.27 7.64 8.31
C MET A 175 1.40 7.10 9.16
N ALA A 176 1.52 5.77 9.21
CA ALA A 176 2.50 5.12 10.08
C ALA A 176 3.88 5.14 9.45
N GLY A 177 3.97 4.86 8.14
CA GLY A 177 5.24 4.93 7.45
C GLY A 177 5.87 6.31 7.55
N ALA A 178 5.09 7.36 7.27
CA ALA A 178 5.60 8.70 7.42
C ALA A 178 6.02 8.98 8.87
N SER A 179 5.25 8.47 9.83
CA SER A 179 5.59 8.70 11.24
C SER A 179 6.87 8.00 11.62
N LEU A 180 7.06 6.76 11.13
CA LEU A 180 8.25 6.00 11.50
C LEU A 180 9.51 6.55 10.82
N GLY A 181 9.37 7.09 9.62
CA GLY A 181 10.44 7.85 9.02
C GLY A 181 10.72 9.12 9.79
N GLY A 182 11.84 9.76 9.45
CA GLY A 182 12.32 10.90 10.22
C GLY A 182 12.48 12.18 9.40
N MET A 183 11.57 12.38 8.45
CA MET A 183 11.58 13.52 7.53
C MET A 183 10.64 14.59 8.09
N VAL A 184 11.22 15.65 8.65
CA VAL A 184 10.41 16.75 9.18
C VAL A 184 9.36 17.22 8.17
N PRO A 185 9.70 17.49 6.90
CA PRO A 185 8.65 17.88 5.93
C PRO A 185 7.52 16.87 5.81
N MET A 186 7.79 15.58 6.03
CA MET A 186 6.71 14.61 6.05
C MET A 186 5.91 14.66 7.35
N HIS A 187 6.57 14.92 8.48
CA HIS A 187 5.85 15.05 9.74
C HIS A 187 4.91 16.25 9.75
N GLN A 188 5.21 17.27 8.96
CA GLN A 188 4.41 18.49 8.94
C GLN A 188 3.10 18.33 8.16
N GLN A 189 2.76 17.13 7.66
CA GLN A 189 1.55 16.95 6.89
C GLN A 189 0.85 15.67 7.32
N GLY A 190 -0.23 15.83 8.11
CA GLY A 190 -1.09 14.74 8.58
C GLY A 190 -1.24 14.68 10.10
N SER A 191 -0.75 15.70 10.82
CA SER A 191 -0.59 15.70 12.29
C SER A 191 0.27 14.52 12.73
N LEU A 192 1.51 14.53 12.30
CA LEU A 192 2.41 13.42 12.52
C LEU A 192 3.57 13.86 13.39
N PRO A 193 4.27 12.91 14.04
CA PRO A 193 4.10 11.45 13.99
C PRO A 193 2.92 10.99 14.86
N ILE A 194 2.30 9.86 14.51
CA ILE A 194 1.28 9.25 15.35
C ILE A 194 1.91 8.89 16.70
N PRO A 195 1.12 8.64 17.74
CA PRO A 195 1.71 8.49 19.08
C PRO A 195 2.64 7.28 19.19
N ASP A 196 3.51 7.36 20.20
CA ASP A 196 4.40 6.26 20.59
C ASP A 196 5.35 5.90 19.44
N VAL A 197 5.97 6.94 18.89
CA VAL A 197 7.11 6.83 17.98
C VAL A 197 8.16 7.82 18.45
N HIS A 198 9.39 7.36 18.63
CA HIS A 198 10.49 8.18 19.15
C HIS A 198 11.62 8.11 18.14
N HIS A 199 12.30 9.23 17.95
CA HIS A 199 13.38 9.34 16.97
C HIS A 199 14.70 9.69 17.65
N ILE A 200 15.73 8.89 17.39
CA ILE A 200 17.08 9.20 17.83
C ILE A 200 17.87 9.77 16.65
N ASN A 201 19.13 10.12 16.88
CA ASN A 201 19.89 10.74 15.80
C ASN A 201 20.39 9.69 14.80
N GLN A 202 20.74 10.16 13.63
CA GLN A 202 21.19 9.29 12.56
C GLN A 202 22.73 9.19 12.54
N PRO A 203 23.24 8.02 12.10
CA PRO A 203 24.70 7.81 12.03
C PRO A 203 25.37 8.47 10.84
N ASN A 204 25.16 9.77 10.59
CA ASN A 204 25.77 10.45 9.45
C ASN A 204 26.98 11.24 9.97
N TRP A 205 28.17 10.63 9.88
CA TRP A 205 29.35 11.28 10.42
C TRP A 205 29.72 12.54 9.64
N TRP A 206 29.62 12.49 8.31
CA TRP A 206 30.11 13.61 7.52
C TRP A 206 29.44 14.92 7.94
N ALA A 207 28.12 14.91 8.09
CA ALA A 207 27.40 16.12 8.47
C ALA A 207 27.30 16.33 9.98
N GLU A 208 27.19 15.26 10.77
CA GLU A 208 26.88 15.42 12.19
C GLU A 208 28.01 14.95 13.12
N GLY A 209 29.20 14.68 12.59
CA GLY A 209 30.23 14.09 13.41
C GLY A 209 30.91 15.05 14.36
N GLY A 210 30.86 16.34 14.07
CA GLY A 210 31.56 17.30 14.92
C GLY A 210 33.05 17.07 14.84
N ASP A 211 33.70 17.07 16.01
CA ASP A 211 35.12 16.79 16.11
C ASP A 211 35.41 15.34 16.46
N MET A 212 34.38 14.50 16.51
CA MET A 212 34.55 13.09 16.85
C MET A 212 35.14 12.31 15.68
N SER A 213 35.94 11.30 16.00
CA SER A 213 36.34 10.35 14.97
C SER A 213 35.12 9.51 14.56
N PRO A 214 35.07 9.06 13.31
CA PRO A 214 33.91 8.28 12.85
C PRO A 214 33.53 7.12 13.75
N GLU A 215 34.49 6.32 14.21
CA GLU A 215 34.13 5.15 15.00
C GLU A 215 33.71 5.51 16.42
N GLU A 216 34.26 6.59 16.98
CA GLU A 216 33.71 7.09 18.24
C GLU A 216 32.29 7.55 18.04
N PHE A 217 32.06 8.35 16.99
CA PHE A 217 30.72 8.81 16.61
C PHE A 217 29.78 7.64 16.41
N GLY A 218 30.24 6.59 15.73
CA GLY A 218 29.41 5.40 15.55
C GLY A 218 28.89 4.85 16.87
N LEU A 219 29.77 4.78 17.87
CA LEU A 219 29.37 4.26 19.17
C LEU A 219 28.39 5.19 19.87
N GLN A 220 28.68 6.49 19.82
CA GLN A 220 27.77 7.45 20.43
C GLN A 220 26.37 7.38 19.81
N ARG A 221 26.29 7.27 18.47
CA ARG A 221 24.98 7.25 17.82
C ARG A 221 24.19 6.00 18.19
N ALA A 222 24.86 4.84 18.20
CA ALA A 222 24.17 3.63 18.59
C ALA A 222 23.77 3.68 20.06
N GLN A 223 24.58 4.34 20.89
CA GLN A 223 24.27 4.42 22.32
C GLN A 223 23.01 5.23 22.59
N GLU A 224 22.60 6.08 21.66
CA GLU A 224 21.33 6.79 21.85
C GLU A 224 20.15 5.82 21.94
N LEU A 225 20.31 4.61 21.38
CA LEU A 225 19.23 3.62 21.47
C LEU A 225 19.01 3.18 22.92
N GLU A 226 20.08 2.82 23.63
CA GLU A 226 19.95 2.48 25.04
C GLU A 226 19.46 3.67 25.86
N GLU A 227 20.00 4.86 25.57
CA GLU A 227 19.55 6.08 26.23
C GLU A 227 18.04 6.27 26.05
N ALA A 228 17.53 6.08 24.83
CA ALA A 228 16.10 6.22 24.61
C ALA A 228 15.32 5.16 25.38
N ILE A 229 15.74 3.89 25.25
CA ILE A 229 15.10 2.81 26.00
C ILE A 229 15.02 3.13 27.49
N LEU A 230 16.12 3.62 28.06
CA LEU A 230 16.14 3.89 29.50
C LEU A 230 15.31 5.12 29.86
N GLU A 231 15.26 6.12 28.98
CA GLU A 231 14.47 7.29 29.32
C GLU A 231 12.98 7.05 29.10
N LEU A 232 12.62 6.24 28.10
CA LEU A 232 11.22 5.91 27.88
C LEU A 232 10.76 4.79 28.83
N GLY A 233 11.68 3.90 29.24
CA GLY A 233 11.31 2.75 30.03
C GLY A 233 11.22 1.50 29.19
N GLU A 234 11.86 0.40 29.63
CA GLU A 234 11.79 -0.84 28.85
C GLU A 234 10.35 -1.32 28.72
N ASP A 235 9.53 -1.04 29.73
CA ASP A 235 8.13 -1.44 29.73
C ASP A 235 7.31 -0.70 28.68
N ARG A 236 7.83 0.37 28.09
CA ARG A 236 7.07 1.11 27.09
C ARG A 236 7.53 0.86 25.66
N VAL A 237 8.71 0.29 25.47
CA VAL A 237 9.32 0.19 24.16
C VAL A 237 8.91 -1.14 23.52
N ALA A 238 8.57 -1.12 22.24
CA ALA A 238 8.21 -2.34 21.54
C ALA A 238 9.21 -2.73 20.46
N ALA A 239 9.82 -1.75 19.78
CA ALA A 239 10.68 -2.07 18.66
C ALA A 239 11.63 -0.91 18.37
N PHE A 240 12.76 -1.27 17.75
CA PHE A 240 13.64 -0.33 17.07
C PHE A 240 13.62 -0.67 15.59
N ILE A 241 13.22 0.27 14.74
CA ILE A 241 13.17 0.01 13.30
C ILE A 241 14.21 0.90 12.63
N ALA A 242 14.88 0.36 11.61
CA ALA A 242 15.94 1.12 10.92
C ALA A 242 16.33 0.41 9.63
N GLU A 243 16.70 1.21 8.65
CA GLU A 243 17.30 0.69 7.43
C GLU A 243 18.75 0.29 7.70
N PRO A 244 19.18 -0.88 7.22
CA PRO A 244 20.61 -1.21 7.35
C PRO A 244 21.50 -0.08 6.86
N ILE A 245 21.23 0.45 5.66
CA ILE A 245 21.82 1.69 5.14
C ILE A 245 20.68 2.62 4.80
N GLN A 246 20.73 3.86 5.33
CA GLN A 246 19.68 4.82 5.00
C GLN A 246 19.73 5.10 3.51
N GLY A 247 18.59 4.98 2.83
CA GLY A 247 18.62 5.18 1.40
C GLY A 247 18.17 6.59 1.06
N ALA A 248 16.87 6.84 1.22
CA ALA A 248 16.30 8.15 0.92
C ALA A 248 16.98 9.28 1.69
N GLY A 249 17.56 8.98 2.86
CA GLY A 249 18.25 10.08 3.52
C GLY A 249 19.60 10.44 2.93
N GLY A 250 20.03 9.78 1.85
CA GLY A 250 21.32 10.06 1.21
C GLY A 250 22.37 8.97 1.24
N VAL A 251 21.96 7.69 1.29
CA VAL A 251 22.84 6.52 1.39
C VAL A 251 23.89 6.77 2.46
N ILE A 252 23.44 6.80 3.70
CA ILE A 252 24.30 7.06 4.86
C ILE A 252 24.84 5.70 5.31
N VAL A 253 26.13 5.48 5.13
CA VAL A 253 26.80 4.25 5.54
C VAL A 253 27.31 4.46 6.97
N PRO A 254 26.78 3.76 7.97
CA PRO A 254 27.21 4.00 9.35
C PRO A 254 28.64 3.53 9.58
N PRO A 255 29.34 4.11 10.55
CA PRO A 255 30.70 3.65 10.83
C PRO A 255 30.68 2.21 11.29
N GLU A 256 31.86 1.59 11.25
CA GLU A 256 31.97 0.16 11.53
C GLU A 256 31.45 -0.19 12.93
N THR A 257 31.53 0.73 13.89
CA THR A 257 31.10 0.43 15.25
C THR A 257 29.59 0.40 15.41
N TYR A 258 28.82 0.96 14.46
CA TYR A 258 27.44 1.34 14.74
C TYR A 258 26.55 0.12 14.93
N TRP A 259 26.46 -0.73 13.92
CA TRP A 259 25.51 -1.83 13.99
C TRP A 259 25.86 -2.87 15.04
N PRO A 260 27.13 -3.20 15.29
CA PRO A 260 27.40 -4.17 16.38
C PRO A 260 26.94 -3.69 17.73
N GLU A 261 27.03 -2.38 17.99
CA GLU A 261 26.56 -1.82 19.26
C GLU A 261 25.04 -1.81 19.33
N ILE A 262 24.37 -1.40 18.25
CA ILE A 262 22.91 -1.52 18.16
C ILE A 262 22.48 -2.92 18.52
N GLN A 263 23.03 -3.91 17.81
CA GLN A 263 22.71 -5.31 18.07
C GLN A 263 22.86 -5.65 19.55
N ARG A 264 24.02 -5.33 20.13
CA ARG A 264 24.27 -5.70 21.52
C ARG A 264 23.32 -4.97 22.46
N ILE A 265 22.93 -3.73 22.13
CA ILE A 265 21.93 -3.01 22.91
C ILE A 265 20.59 -3.74 22.84
N CYS A 266 20.23 -4.19 21.64
CA CYS A 266 18.94 -4.85 21.47
C CYS A 266 18.91 -6.19 22.20
N ASP A 267 20.03 -6.90 22.22
CA ASP A 267 20.09 -8.14 22.99
C ASP A 267 20.02 -7.91 24.49
N LYS A 268 20.18 -6.68 24.97
CA LYS A 268 20.03 -6.45 26.41
C LYS A 268 18.59 -6.27 26.83
N TYR A 269 17.68 -6.01 25.89
CA TYR A 269 16.36 -5.51 26.22
C TYR A 269 15.26 -6.31 25.53
N GLU A 270 14.08 -6.33 26.16
CA GLU A 270 12.90 -6.89 25.50
C GLU A 270 12.47 -5.87 24.46
N ILE A 271 13.00 -6.02 23.26
CA ILE A 271 12.73 -5.09 22.17
C ILE A 271 12.86 -5.87 20.87
N LEU A 272 12.04 -5.52 19.88
CA LEU A 272 12.11 -6.18 18.60
C LEU A 272 12.95 -5.35 17.63
N LEU A 273 13.93 -6.00 17.00
CA LEU A 273 14.70 -5.35 15.97
C LEU A 273 14.03 -5.61 14.63
N ILE A 274 13.51 -4.54 14.02
CA ILE A 274 12.94 -4.56 12.67
C ILE A 274 13.94 -3.94 11.72
N ALA A 275 14.39 -4.71 10.73
CA ALA A 275 15.24 -4.19 9.67
C ALA A 275 14.34 -3.80 8.50
N ASP A 276 14.40 -2.53 8.12
CA ASP A 276 13.65 -2.09 6.95
C ASP A 276 14.51 -2.40 5.72
N GLU A 277 14.25 -3.55 5.10
CA GLU A 277 15.00 -4.04 3.94
C GLU A 277 14.36 -3.67 2.62
N VAL A 278 13.43 -2.71 2.60
CA VAL A 278 12.73 -2.36 1.37
C VAL A 278 13.71 -1.95 0.27
N ILE A 279 14.72 -1.17 0.60
CA ILE A 279 15.77 -0.83 -0.37
C ILE A 279 16.90 -1.85 -0.35
N CYS A 280 17.43 -2.17 0.85
CA CYS A 280 18.62 -3.00 0.94
C CYS A 280 18.37 -4.44 0.49
N GLY A 281 17.12 -4.90 0.46
CA GLY A 281 16.85 -6.29 0.18
C GLY A 281 17.13 -6.72 -1.25
N PHE A 282 17.34 -8.02 -1.42
CA PHE A 282 17.42 -8.68 -2.72
C PHE A 282 18.58 -8.16 -3.57
N GLY A 283 19.77 -8.21 -2.97
CA GLY A 283 21.02 -8.02 -3.67
C GLY A 283 21.61 -6.63 -3.57
N ARG A 284 20.85 -5.65 -3.09
CA ARG A 284 21.26 -4.26 -3.21
C ARG A 284 22.60 -3.99 -2.53
N THR A 285 22.85 -4.63 -1.38
CA THR A 285 24.08 -4.40 -0.65
C THR A 285 25.11 -5.52 -0.85
N GLY A 286 24.92 -6.40 -1.81
CA GLY A 286 25.86 -7.50 -2.01
C GLY A 286 25.49 -8.78 -1.28
N ASN A 287 24.30 -8.86 -0.71
CA ASN A 287 23.77 -10.03 -0.05
C ASN A 287 22.28 -10.07 -0.34
N TRP A 288 21.63 -11.17 0.00
CA TRP A 288 20.17 -11.20 -0.08
C TRP A 288 19.56 -10.05 0.71
N PHE A 289 20.14 -9.72 1.87
CA PHE A 289 19.55 -8.71 2.75
C PHE A 289 20.63 -7.84 3.37
N GLY A 290 20.34 -6.54 3.49
CA GLY A 290 21.27 -5.63 4.13
C GLY A 290 21.64 -6.00 5.55
N SER A 291 20.75 -6.73 6.25
CA SER A 291 21.04 -7.21 7.61
C SER A 291 22.21 -8.18 7.60
N GLN A 292 22.32 -8.99 6.55
CA GLN A 292 23.48 -9.86 6.45
C GLN A 292 24.74 -9.04 6.26
N THR A 293 24.66 -8.00 5.44
CA THR A 293 25.84 -7.21 5.15
C THR A 293 26.30 -6.40 6.37
N VAL A 294 25.37 -5.80 7.11
CA VAL A 294 25.78 -5.04 8.30
C VAL A 294 25.87 -5.91 9.54
N GLY A 295 25.50 -7.19 9.44
CA GLY A 295 25.63 -8.13 10.52
C GLY A 295 24.65 -7.99 11.67
N ILE A 296 23.34 -7.91 11.42
CA ILE A 296 22.37 -7.87 12.50
C ILE A 296 21.38 -9.03 12.35
N LYS A 297 20.62 -9.28 13.42
CA LYS A 297 19.71 -10.41 13.52
C LYS A 297 18.30 -9.90 13.78
N PRO A 298 17.62 -9.39 12.75
CA PRO A 298 16.30 -8.78 12.98
C PRO A 298 15.21 -9.80 13.27
N HIS A 299 14.26 -9.38 14.09
CA HIS A 299 13.03 -10.15 14.31
C HIS A 299 12.05 -10.00 13.15
N ILE A 300 12.08 -8.87 12.45
CA ILE A 300 11.19 -8.62 11.33
C ILE A 300 11.96 -7.86 10.25
N MET A 301 11.72 -8.25 9.01
CA MET A 301 12.21 -7.53 7.84
C MET A 301 11.01 -7.02 7.05
N SER A 302 11.04 -5.72 6.70
CA SER A 302 10.10 -5.14 5.77
C SER A 302 10.67 -5.29 4.37
N ILE A 303 9.83 -5.70 3.42
CA ILE A 303 10.29 -5.89 2.05
C ILE A 303 9.31 -5.24 1.08
N ALA A 304 9.86 -4.82 -0.07
CA ALA A 304 9.13 -4.40 -1.26
C ALA A 304 10.18 -4.13 -2.34
N LYS A 305 9.97 -3.09 -3.16
CA LYS A 305 10.88 -2.71 -4.24
C LYS A 305 11.54 -3.92 -4.93
N GLY A 306 12.75 -4.30 -4.51
CA GLY A 306 13.50 -5.33 -5.21
C GLY A 306 12.88 -6.71 -5.18
N LEU A 307 11.95 -6.96 -4.26
CA LEU A 307 11.19 -8.21 -4.22
C LEU A 307 10.69 -8.63 -5.59
N SER A 308 10.05 -7.72 -6.32
CA SER A 308 9.60 -8.03 -7.67
C SER A 308 10.38 -7.26 -8.72
N SER A 309 11.48 -6.60 -8.34
CA SER A 309 12.21 -5.66 -9.19
C SER A 309 11.29 -4.57 -9.73
N GLY A 310 10.29 -4.21 -8.94
CA GLY A 310 9.31 -3.21 -9.31
C GLY A 310 8.40 -3.60 -10.46
N TYR A 311 8.53 -4.80 -11.04
CA TYR A 311 7.69 -5.16 -12.18
C TYR A 311 6.22 -5.31 -11.80
N ALA A 312 5.93 -5.58 -10.53
CA ALA A 312 4.55 -5.67 -10.05
C ALA A 312 4.54 -5.19 -8.62
N PRO A 313 3.47 -4.54 -8.18
CA PRO A 313 3.42 -4.01 -6.80
C PRO A 313 3.21 -5.15 -5.81
N ILE A 314 4.11 -5.23 -4.82
CA ILE A 314 4.00 -6.22 -3.75
C ILE A 314 5.01 -5.89 -2.65
N GLY A 315 4.60 -6.10 -1.39
CA GLY A 315 5.51 -5.91 -0.26
C GLY A 315 5.26 -6.93 0.83
N GLY A 316 5.93 -6.78 1.97
CA GLY A 316 5.59 -7.67 3.06
C GLY A 316 6.54 -7.54 4.23
N SER A 317 6.22 -8.32 5.24
CA SER A 317 7.01 -8.38 6.45
C SER A 317 7.43 -9.82 6.63
N ILE A 318 8.74 -10.05 6.66
CA ILE A 318 9.28 -11.36 7.01
C ILE A 318 9.44 -11.37 8.52
N VAL A 319 8.83 -12.39 9.17
CA VAL A 319 8.58 -12.43 10.61
C VAL A 319 9.25 -13.68 11.20
N CYS A 320 9.83 -13.53 12.38
CA CYS A 320 10.58 -14.63 13.00
C CYS A 320 9.63 -15.62 13.68
N ASP A 321 10.16 -16.82 13.95
CA ASP A 321 9.34 -17.93 14.43
C ASP A 321 8.56 -17.58 15.70
N GLU A 322 9.25 -17.00 16.70
CA GLU A 322 8.57 -16.79 17.97
C GLU A 322 7.51 -15.70 17.89
N VAL A 323 7.69 -14.70 17.03
CA VAL A 323 6.67 -13.65 16.91
C VAL A 323 5.47 -14.15 16.14
N ALA A 324 5.70 -14.84 15.01
CA ALA A 324 4.61 -15.42 14.25
C ALA A 324 3.82 -16.42 15.09
N GLU A 325 4.52 -17.19 15.93
CA GLU A 325 3.86 -18.27 16.68
C GLU A 325 3.01 -17.71 17.82
N VAL A 326 3.50 -16.66 18.47
CA VAL A 326 2.69 -15.97 19.47
C VAL A 326 1.40 -15.47 18.83
N VAL A 327 1.53 -14.75 17.72
CA VAL A 327 0.35 -14.22 17.06
C VAL A 327 -0.50 -15.34 16.46
N ALA A 328 0.14 -16.44 16.02
CA ALA A 328 -0.61 -17.52 15.36
C ALA A 328 -1.72 -18.07 16.25
N ALA A 329 -1.66 -17.81 17.55
CA ALA A 329 -2.65 -18.29 18.49
C ALA A 329 -3.79 -17.31 18.72
N THR A 330 -3.80 -16.18 18.01
CA THR A 330 -4.80 -15.12 18.16
C THR A 330 -5.36 -14.76 16.79
N GLU A 331 -6.63 -14.34 16.77
CA GLU A 331 -7.17 -13.70 15.56
C GLU A 331 -6.39 -12.42 15.29
N PHE A 332 -5.65 -12.37 14.18
CA PHE A 332 -4.91 -11.16 13.79
C PHE A 332 -5.76 -10.37 12.81
N ASN A 333 -6.37 -9.28 13.29
CA ASN A 333 -7.41 -8.58 12.54
C ASN A 333 -6.81 -7.52 11.62
N HIS A 334 -6.11 -8.02 10.60
CA HIS A 334 -5.27 -7.18 9.75
C HIS A 334 -5.11 -7.85 8.39
N GLY A 335 -4.94 -7.03 7.36
CA GLY A 335 -4.63 -7.52 6.03
C GLY A 335 -5.26 -6.68 4.95
N TYR A 336 -4.76 -6.84 3.73
CA TYR A 336 -5.14 -6.03 2.59
C TYR A 336 -5.68 -6.94 1.50
N THR A 337 -6.70 -6.47 0.78
CA THR A 337 -7.26 -7.20 -0.33
C THR A 337 -6.17 -7.80 -1.21
N TYR A 338 -5.11 -7.05 -1.48
CA TYR A 338 -4.10 -7.52 -2.42
C TYR A 338 -2.90 -8.16 -1.72
N SER A 339 -3.01 -8.45 -0.42
CA SER A 339 -2.02 -9.29 0.24
C SER A 339 -1.93 -10.63 -0.48
N GLY A 340 -0.75 -10.95 -0.99
CA GLY A 340 -0.53 -12.22 -1.66
C GLY A 340 -1.06 -12.29 -3.08
N HIS A 341 -1.37 -11.15 -3.68
CA HIS A 341 -1.96 -11.11 -5.02
C HIS A 341 -1.27 -12.13 -5.93
N PRO A 342 -2.01 -12.96 -6.65
CA PRO A 342 -1.36 -14.11 -7.29
C PRO A 342 -0.47 -13.74 -8.45
N VAL A 343 -0.79 -12.67 -9.19
CA VAL A 343 0.08 -12.20 -10.26
C VAL A 343 1.33 -11.56 -9.69
N ALA A 344 1.17 -10.70 -8.67
CA ALA A 344 2.31 -10.05 -8.06
C ALA A 344 3.28 -11.09 -7.48
N CYS A 345 2.74 -12.12 -6.82
CA CYS A 345 3.57 -13.20 -6.30
C CYS A 345 4.29 -13.95 -7.40
N ALA A 346 3.56 -14.37 -8.44
CA ALA A 346 4.19 -15.10 -9.54
C ALA A 346 5.34 -14.32 -10.13
N VAL A 347 5.15 -13.01 -10.31
CA VAL A 347 6.20 -12.14 -10.82
C VAL A 347 7.37 -12.06 -9.85
N ALA A 348 7.09 -11.87 -8.56
CA ALA A 348 8.17 -11.78 -7.59
C ALA A 348 8.96 -13.09 -7.54
N LEU A 349 8.26 -14.21 -7.64
CA LEU A 349 8.93 -15.50 -7.66
C LEU A 349 9.88 -15.59 -8.85
N GLU A 350 9.41 -15.28 -10.04
CA GLU A 350 10.27 -15.33 -11.22
C GLU A 350 11.45 -14.36 -11.08
N ASN A 351 11.19 -13.14 -10.61
CA ASN A 351 12.28 -12.22 -10.26
C ASN A 351 13.32 -12.90 -9.37
N LEU A 352 12.86 -13.55 -8.28
CA LEU A 352 13.77 -14.21 -7.34
C LEU A 352 14.47 -15.39 -7.98
N ARG A 353 13.77 -16.12 -8.86
CA ARG A 353 14.40 -17.18 -9.62
C ARG A 353 15.57 -16.64 -10.44
N ILE A 354 15.35 -15.52 -11.15
CA ILE A 354 16.38 -14.99 -12.04
C ILE A 354 17.60 -14.52 -11.21
N ILE A 355 17.33 -13.81 -10.12
CA ILE A 355 18.39 -13.39 -9.22
C ILE A 355 19.18 -14.60 -8.73
N GLU A 356 18.46 -15.64 -8.28
CA GLU A 356 19.13 -16.82 -7.72
C GLU A 356 19.85 -17.62 -8.80
N GLU A 357 19.13 -17.98 -9.87
CA GLU A 357 19.70 -18.95 -10.82
C GLU A 357 20.76 -18.34 -11.73
N GLU A 358 20.70 -17.03 -11.98
CA GLU A 358 21.74 -16.37 -12.77
C GLU A 358 22.82 -15.74 -11.90
N ASN A 359 22.72 -15.90 -10.58
CA ASN A 359 23.78 -15.52 -9.65
C ASN A 359 24.08 -14.02 -9.75
N ILE A 360 23.01 -13.22 -9.77
CA ILE A 360 23.17 -11.78 -9.88
C ILE A 360 23.85 -11.22 -8.63
N ILE A 361 23.61 -11.84 -7.47
CA ILE A 361 24.26 -11.41 -6.25
C ILE A 361 25.75 -11.69 -6.32
N GLY A 362 26.12 -12.86 -6.86
CA GLY A 362 27.52 -13.11 -7.18
C GLY A 362 28.08 -12.11 -8.17
N HIS A 363 27.27 -11.68 -9.15
CA HIS A 363 27.72 -10.65 -10.11
C HIS A 363 27.97 -9.32 -9.41
N VAL A 364 27.07 -8.92 -8.50
CA VAL A 364 27.32 -7.76 -7.66
C VAL A 364 28.61 -7.96 -6.88
N ARG A 365 28.66 -9.02 -6.06
CA ARG A 365 29.74 -9.19 -5.09
C ARG A 365 31.12 -9.25 -5.77
N ASP A 366 31.24 -9.98 -6.87
CA ASP A 366 32.56 -10.32 -7.40
C ASP A 366 32.96 -9.56 -8.66
N ASP A 367 32.00 -9.01 -9.41
CA ASP A 367 32.28 -8.35 -10.67
C ASP A 367 32.04 -6.85 -10.56
N VAL A 368 30.77 -6.45 -10.51
CA VAL A 368 30.46 -5.04 -10.69
C VAL A 368 30.66 -4.23 -9.41
N ALA A 369 30.24 -4.69 -8.24
CA ALA A 369 30.40 -3.86 -7.03
C ALA A 369 31.85 -3.47 -6.78
N PRO A 370 32.83 -4.38 -6.81
CA PRO A 370 34.23 -3.93 -6.62
C PRO A 370 34.70 -2.93 -7.67
N TYR A 371 34.27 -3.09 -8.93
CA TYR A 371 34.66 -2.15 -9.97
C TYR A 371 34.02 -0.79 -9.72
N LEU A 372 32.72 -0.78 -9.44
CA LEU A 372 32.00 0.45 -9.14
C LEU A 372 32.54 1.11 -7.88
N LYS A 373 32.93 0.32 -6.88
CA LYS A 373 33.49 0.92 -5.68
C LYS A 373 34.78 1.67 -5.99
N GLU A 374 35.71 1.00 -6.68
CA GLU A 374 36.94 1.63 -7.14
C GLU A 374 36.64 2.97 -7.80
N LYS A 375 35.73 2.98 -8.79
CA LYS A 375 35.51 4.19 -9.56
C LYS A 375 34.73 5.24 -8.77
N TRP A 376 33.70 4.82 -8.04
CA TRP A 376 32.91 5.74 -7.23
C TRP A 376 33.79 6.43 -6.17
N GLU A 377 34.58 5.67 -5.42
CA GLU A 377 35.38 6.28 -4.36
C GLU A 377 36.45 7.20 -4.92
N ALA A 378 36.91 6.94 -6.14
CA ALA A 378 37.80 7.89 -6.80
C ALA A 378 37.15 9.24 -7.02
N LEU A 379 35.82 9.30 -7.03
CA LEU A 379 35.16 10.61 -7.10
C LEU A 379 35.51 11.50 -5.91
N ALA A 380 35.98 10.93 -4.79
CA ALA A 380 36.50 11.76 -3.72
C ALA A 380 37.70 12.60 -4.15
N ASP A 381 38.38 12.24 -5.24
CA ASP A 381 39.46 13.09 -5.73
C ASP A 381 38.94 14.34 -6.41
N HIS A 382 37.66 14.36 -6.79
CA HIS A 382 37.11 15.54 -7.43
C HIS A 382 37.13 16.72 -6.45
N PRO A 383 37.39 17.94 -6.92
CA PRO A 383 37.53 19.08 -6.00
C PRO A 383 36.26 19.45 -5.29
N LEU A 384 35.09 19.02 -5.80
CA LEU A 384 33.80 19.32 -5.18
C LEU A 384 33.35 18.26 -4.17
N VAL A 385 33.93 17.08 -4.21
CA VAL A 385 33.45 15.95 -3.45
C VAL A 385 34.23 15.87 -2.14
N GLY A 386 33.52 15.67 -1.03
CA GLY A 386 34.19 15.55 0.26
C GLY A 386 34.33 14.11 0.70
N GLU A 387 33.37 13.28 0.32
CA GLU A 387 33.45 11.86 0.63
C GLU A 387 32.63 11.11 -0.40
N ALA A 388 32.97 9.84 -0.54
CA ALA A 388 32.31 8.94 -1.48
C ALA A 388 32.11 7.62 -0.74
N LYS A 389 30.86 7.29 -0.40
CA LYS A 389 30.55 6.09 0.36
C LYS A 389 29.76 5.13 -0.52
N ILE A 390 30.10 3.85 -0.50
CA ILE A 390 29.34 2.89 -1.29
C ILE A 390 29.38 1.54 -0.61
N VAL A 391 28.21 0.90 -0.53
CA VAL A 391 28.10 -0.47 -0.08
C VAL A 391 27.33 -1.22 -1.16
N GLY A 392 27.96 -2.21 -1.76
CA GLY A 392 27.28 -2.99 -2.77
C GLY A 392 26.88 -2.12 -3.93
N MET A 393 25.58 -1.96 -4.18
CA MET A 393 25.11 -1.18 -5.30
C MET A 393 24.30 0.04 -4.87
N MET A 394 24.62 0.62 -3.70
CA MET A 394 24.09 1.91 -3.31
C MET A 394 25.25 2.80 -2.86
N GLY A 395 25.30 4.02 -3.38
CA GLY A 395 26.39 4.92 -3.06
C GLY A 395 25.93 6.36 -2.98
N SER A 396 26.76 7.17 -2.34
CA SER A 396 26.53 8.60 -2.26
C SER A 396 27.87 9.31 -2.23
N ILE A 397 27.84 10.59 -2.60
CA ILE A 397 28.99 11.48 -2.48
C ILE A 397 28.50 12.77 -1.82
N ALA A 398 29.31 13.35 -0.96
CA ALA A 398 29.01 14.62 -0.34
C ALA A 398 29.66 15.73 -1.15
N LEU A 399 28.85 16.70 -1.55
CA LEU A 399 29.34 17.90 -2.20
C LEU A 399 29.60 18.97 -1.15
N THR A 400 30.79 19.58 -1.17
CA THR A 400 31.27 20.42 -0.08
C THR A 400 32.06 21.60 -0.61
N PRO A 401 32.02 22.73 0.07
CA PRO A 401 32.97 23.81 -0.24
C PRO A 401 34.34 23.64 0.42
N ASN A 402 34.48 22.73 1.39
CA ASN A 402 35.75 22.59 2.11
C ASN A 402 35.89 21.14 2.58
N LYS A 403 36.81 20.41 1.94
CA LYS A 403 37.00 18.99 2.24
C LYS A 403 37.53 18.78 3.65
N GLU A 404 38.40 19.68 4.14
CA GLU A 404 39.07 19.45 5.41
C GLU A 404 38.13 19.63 6.59
N THR A 405 37.24 20.61 6.52
CA THR A 405 36.37 20.94 7.64
C THR A 405 35.03 20.24 7.59
N ARG A 406 34.61 19.79 6.39
CA ARG A 406 33.30 19.22 6.15
C ARG A 406 32.19 20.26 6.35
N ALA A 407 32.53 21.55 6.20
CA ALA A 407 31.56 22.62 6.43
C ALA A 407 30.55 22.69 5.29
N PRO A 408 29.27 22.88 5.60
CA PRO A 408 28.25 22.96 4.54
C PRO A 408 28.40 24.22 3.71
N PHE A 409 27.75 24.21 2.54
CA PHE A 409 27.68 25.41 1.72
C PHE A 409 26.93 26.51 2.45
N ALA A 410 27.24 27.77 2.08
CA ALA A 410 26.52 28.88 2.68
C ALA A 410 25.07 28.91 2.22
N ALA A 411 24.83 28.62 0.94
CA ALA A 411 23.48 28.55 0.41
C ALA A 411 22.70 27.45 1.11
N ASP A 412 21.37 27.58 1.08
CA ASP A 412 20.51 26.58 1.70
C ASP A 412 20.86 25.18 1.22
N THR A 413 20.85 24.22 2.14
CA THR A 413 21.13 22.83 1.82
C THR A 413 20.29 22.36 0.63
N GLY A 414 20.94 21.71 -0.33
CA GLY A 414 20.31 21.22 -1.52
C GLY A 414 20.48 22.11 -2.72
N THR A 415 20.83 23.38 -2.52
CA THR A 415 21.09 24.28 -3.62
C THR A 415 22.13 23.69 -4.59
N VAL A 416 23.24 23.20 -4.05
CA VAL A 416 24.31 22.67 -4.91
C VAL A 416 23.92 21.29 -5.43
N GLY A 417 23.42 20.41 -4.55
CA GLY A 417 22.90 19.13 -5.00
C GLY A 417 21.92 19.26 -6.14
N TYR A 418 20.97 20.20 -6.02
CA TYR A 418 20.00 20.41 -7.08
C TYR A 418 20.67 20.81 -8.38
N LYS A 419 21.61 21.76 -8.33
CA LYS A 419 22.34 22.15 -9.53
C LYS A 419 23.08 20.96 -10.14
N CYS A 420 23.66 20.10 -9.29
CA CYS A 420 24.35 18.91 -9.80
C CYS A 420 23.37 17.93 -10.43
N ARG A 421 22.21 17.73 -9.77
CA ARG A 421 21.18 16.86 -10.34
C ARG A 421 20.79 17.33 -11.73
N GLU A 422 20.68 18.64 -11.95
CA GLU A 422 20.27 19.17 -13.25
C GLU A 422 21.32 18.88 -14.31
N HIS A 423 22.60 19.08 -13.97
CA HIS A 423 23.67 18.72 -14.89
C HIS A 423 23.67 17.24 -15.19
N CYS A 424 23.27 16.42 -14.22
CA CYS A 424 23.14 14.99 -14.46
C CYS A 424 22.07 14.71 -15.52
N PHE A 425 20.85 15.21 -15.31
CA PHE A 425 19.78 14.94 -16.26
C PHE A 425 20.08 15.53 -17.62
N GLY A 426 20.78 16.67 -17.66
CA GLY A 426 21.33 17.19 -18.91
C GLY A 426 22.42 16.34 -19.52
N ASN A 427 22.98 15.38 -18.78
CA ASN A 427 23.96 14.45 -19.30
C ASN A 427 23.43 13.04 -19.40
N ASN A 428 22.10 12.87 -19.38
CA ASN A 428 21.45 11.57 -19.58
C ASN A 428 21.87 10.58 -18.50
N LEU A 429 21.90 11.04 -17.27
CA LEU A 429 22.20 10.18 -16.14
C LEU A 429 21.21 10.52 -15.04
N VAL A 430 20.54 9.51 -14.51
CA VAL A 430 19.65 9.69 -13.36
C VAL A 430 20.51 9.52 -12.14
N MET A 431 21.08 10.63 -11.67
CA MET A 431 21.67 10.73 -10.34
C MET A 431 20.89 11.77 -9.56
N ARG A 432 20.43 11.39 -8.38
CA ARG A 432 19.58 12.26 -7.57
C ARG A 432 20.39 12.88 -6.44
N HIS A 433 19.84 13.93 -5.88
CA HIS A 433 20.45 14.61 -4.73
C HIS A 433 19.54 14.49 -3.52
N VAL A 434 20.15 14.43 -2.35
CA VAL A 434 19.47 14.47 -1.06
C VAL A 434 20.25 15.50 -0.27
N GLY A 435 19.71 16.70 -0.11
CA GLY A 435 20.52 17.82 0.33
C GLY A 435 21.67 18.03 -0.63
N ASP A 436 22.89 18.10 -0.09
CA ASP A 436 24.07 18.26 -0.92
C ASP A 436 24.84 16.96 -1.07
N ARG A 437 24.15 15.82 -1.00
CA ARG A 437 24.68 14.53 -1.39
C ARG A 437 24.07 14.12 -2.73
N MET A 438 24.86 13.45 -3.57
CA MET A 438 24.35 12.77 -4.75
C MET A 438 24.28 11.28 -4.45
N ILE A 439 23.24 10.60 -4.93
CA ILE A 439 23.03 9.19 -4.63
C ILE A 439 22.85 8.40 -5.94
N ILE A 440 23.25 7.13 -5.90
CA ILE A 440 23.01 6.20 -6.99
C ILE A 440 22.59 4.88 -6.40
N SER A 441 21.78 4.15 -7.17
CA SER A 441 21.28 2.83 -6.82
C SER A 441 21.02 2.04 -8.11
N PRO A 442 22.05 1.76 -8.89
CA PRO A 442 21.83 1.25 -10.25
C PRO A 442 21.30 -0.17 -10.23
N PRO A 443 20.68 -0.63 -11.32
CA PRO A 443 20.26 -2.04 -11.39
C PRO A 443 21.44 -2.96 -11.11
N LEU A 444 21.17 -4.06 -10.39
CA LEU A 444 22.25 -4.93 -9.96
C LEU A 444 22.98 -5.58 -11.13
N VAL A 445 22.29 -5.83 -12.24
CA VAL A 445 22.89 -6.46 -13.42
C VAL A 445 23.76 -5.51 -14.23
N MET A 446 23.95 -4.28 -13.74
CA MET A 446 24.83 -3.33 -14.40
C MET A 446 26.21 -3.95 -14.64
N THR A 447 26.74 -3.73 -15.84
CA THR A 447 28.05 -4.24 -16.23
C THR A 447 29.12 -3.17 -16.05
N ARG A 448 30.37 -3.59 -16.20
CA ARG A 448 31.50 -2.69 -15.98
C ARG A 448 31.52 -1.57 -17.00
N ASP A 449 31.20 -1.88 -18.25
CA ASP A 449 31.13 -0.83 -19.28
C ASP A 449 30.01 0.17 -18.99
N GLU A 450 28.95 -0.28 -18.30
CA GLU A 450 27.88 0.62 -17.91
C GLU A 450 28.28 1.46 -16.71
N VAL A 451 29.05 0.88 -15.77
CA VAL A 451 29.71 1.68 -14.74
C VAL A 451 30.57 2.78 -15.37
N ASP A 452 31.31 2.44 -16.44
CA ASP A 452 32.19 3.44 -17.05
C ASP A 452 31.39 4.64 -17.55
N THR A 453 30.27 4.38 -18.24
CA THR A 453 29.40 5.46 -18.69
C THR A 453 28.83 6.25 -17.52
N LEU A 454 28.36 5.54 -16.48
CA LEU A 454 27.86 6.20 -15.29
C LEU A 454 28.88 7.19 -14.74
N ILE A 455 30.12 6.73 -14.58
CA ILE A 455 31.13 7.55 -13.92
C ILE A 455 31.50 8.73 -14.80
N GLU A 456 31.66 8.49 -16.11
CA GLU A 456 31.99 9.59 -17.00
C GLU A 456 30.89 10.64 -17.00
N ARG A 457 29.64 10.20 -17.04
CA ARG A 457 28.55 11.17 -16.97
C ARG A 457 28.52 11.85 -15.61
N ALA A 458 28.72 11.08 -14.53
CA ALA A 458 28.69 11.66 -13.20
C ALA A 458 29.83 12.64 -13.01
N THR A 459 31.00 12.33 -13.58
CA THR A 459 32.16 13.22 -13.44
C THR A 459 31.98 14.50 -14.23
N ARG A 460 31.48 14.41 -15.47
CA ARG A 460 31.13 15.62 -16.21
C ARG A 460 30.11 16.47 -15.45
N ALA A 461 29.13 15.82 -14.79
CA ALA A 461 28.15 16.61 -14.04
C ALA A 461 28.78 17.25 -12.81
N LEU A 462 29.74 16.59 -12.18
CA LEU A 462 30.49 17.22 -11.09
C LEU A 462 31.31 18.40 -11.60
N ASP A 463 31.99 18.23 -12.73
CA ASP A 463 32.77 19.32 -13.32
C ASP A 463 31.89 20.54 -13.61
N LEU A 464 30.79 20.32 -14.32
CA LEU A 464 29.86 21.42 -14.61
C LEU A 464 29.35 22.08 -13.34
N THR A 465 28.89 21.27 -12.37
CA THR A 465 28.45 21.82 -11.09
C THR A 465 29.52 22.73 -10.48
N PHE A 466 30.77 22.24 -10.49
CA PHE A 466 31.88 22.94 -9.83
C PHE A 466 32.13 24.31 -10.45
N GLU A 467 32.26 24.36 -11.78
CA GLU A 467 32.49 25.65 -12.41
C GLU A 467 31.26 26.54 -12.38
N GLN A 468 30.05 25.97 -12.26
CA GLN A 468 28.85 26.80 -12.19
C GLN A 468 28.75 27.51 -10.84
N ILE A 469 28.74 26.74 -9.74
CA ILE A 469 28.61 27.37 -8.42
C ILE A 469 29.81 28.26 -8.15
N LYS A 470 30.96 27.99 -8.78
CA LYS A 470 32.09 28.91 -8.68
C LYS A 470 31.76 30.23 -9.35
N ALA A 471 31.11 30.17 -10.52
CA ALA A 471 30.71 31.39 -11.22
C ALA A 471 29.53 32.08 -10.52
N GLU A 472 28.65 31.30 -9.92
CA GLU A 472 27.52 31.85 -9.16
C GLU A 472 27.93 32.44 -7.82
N ASP A 473 29.21 32.37 -7.43
CA ASP A 473 29.69 32.84 -6.12
C ASP A 473 29.03 32.04 -4.99
N LEU A 474 28.76 30.76 -5.25
CA LEU A 474 28.20 29.86 -4.26
C LEU A 474 29.20 28.85 -3.72
N TYR A 475 30.45 28.85 -4.23
CA TYR A 475 31.44 27.88 -3.77
C TYR A 475 32.10 28.42 -2.51
N LYS A 476 31.37 28.29 -1.39
CA LYS A 476 31.82 28.89 -0.15
C LYS A 476 31.04 28.31 1.03
N SER A 477 31.73 28.13 2.15
CA SER A 477 31.00 27.88 3.38
C SER A 477 30.56 29.21 3.98
N SER A 478 29.84 29.13 5.09
CA SER A 478 29.47 30.34 5.81
C SER A 478 30.72 31.11 6.21
N SER A 479 30.61 32.44 6.26
CA SER A 479 31.78 33.24 6.63
C SER A 479 32.31 32.88 8.01
N VAL A 480 31.44 32.36 8.89
CA VAL A 480 31.90 31.85 10.18
C VAL A 480 32.75 30.60 9.98
N ASP A 481 32.33 29.73 9.06
CA ASP A 481 33.12 28.54 8.77
C ASP A 481 34.41 28.88 8.00
N LYS A 482 34.37 29.91 7.16
CA LYS A 482 35.59 30.34 6.47
C LYS A 482 36.62 30.93 7.44
N LEU A 483 36.16 31.62 8.48
CA LEU A 483 37.11 32.13 9.48
C LEU A 483 37.71 30.99 10.29
N ALA A 484 36.90 29.97 10.60
CA ALA A 484 37.41 28.78 11.25
C ALA A 484 38.53 28.12 10.46
N ALA A 485 38.72 28.48 9.19
CA ALA A 485 39.88 28.04 8.41
C ALA A 485 41.18 28.54 9.02
N ALA A 486 41.10 29.32 10.10
CA ALA A 486 42.26 29.75 10.87
C ALA A 486 42.79 28.60 11.71
N LEU A 487 42.45 27.38 11.31
CA LEU A 487 43.08 26.13 11.76
C LEU A 487 42.71 25.73 13.17
N ASN B 16 11.74 -30.22 -4.20
CA ASN B 16 10.43 -30.18 -4.84
C ASN B 16 9.96 -28.77 -5.15
N ALA B 17 9.66 -28.51 -6.42
CA ALA B 17 9.09 -27.23 -6.81
C ALA B 17 7.61 -27.18 -6.42
N ILE B 18 7.15 -26.00 -6.04
CA ILE B 18 5.81 -25.80 -5.49
C ILE B 18 4.90 -25.31 -6.60
N THR B 19 4.03 -26.20 -7.09
CA THR B 19 3.17 -25.97 -8.26
C THR B 19 1.77 -26.49 -7.96
N ASN B 20 0.85 -26.23 -8.90
CA ASN B 20 -0.47 -26.87 -8.85
C ASN B 20 -0.37 -28.40 -8.82
N HIS B 21 0.76 -28.98 -9.20
CA HIS B 21 0.86 -30.44 -9.23
C HIS B 21 1.09 -31.05 -7.87
N LEU B 22 1.54 -30.28 -6.88
CA LEU B 22 1.72 -30.81 -5.54
C LEU B 22 0.38 -31.21 -4.93
N PRO B 23 0.35 -32.27 -4.11
CA PRO B 23 -0.89 -32.62 -3.42
C PRO B 23 -1.38 -31.46 -2.55
N THR B 24 -2.70 -31.24 -2.59
CA THR B 24 -3.30 -30.18 -1.77
C THR B 24 -2.81 -30.21 -0.33
N ALA B 25 -2.78 -31.41 0.28
CA ALA B 25 -2.34 -31.50 1.67
C ALA B 25 -0.92 -30.96 1.83
N GLU B 26 -0.06 -31.26 0.87
CA GLU B 26 1.30 -30.74 0.88
C GLU B 26 1.31 -29.22 0.71
N LEU B 27 0.50 -28.71 -0.22
CA LEU B 27 0.40 -27.27 -0.39
C LEU B 27 -0.11 -26.60 0.88
N GLN B 28 -1.01 -27.26 1.60
CA GLN B 28 -1.57 -26.66 2.79
C GLN B 28 -0.57 -26.62 3.93
N ALA B 29 0.27 -27.67 4.04
CA ALA B 29 1.39 -27.62 4.98
C ALA B 29 2.33 -26.45 4.68
N LEU B 30 2.75 -26.29 3.42
CA LEU B 30 3.63 -25.16 3.11
C LEU B 30 2.94 -23.84 3.44
N ASP B 31 1.64 -23.76 3.15
CA ASP B 31 0.87 -22.56 3.41
C ASP B 31 0.93 -22.17 4.90
N VAL B 32 0.51 -23.06 5.80
CA VAL B 32 0.48 -22.69 7.21
C VAL B 32 1.89 -22.54 7.78
N ALA B 33 2.88 -23.22 7.21
CA ALA B 33 4.25 -23.04 7.71
C ALA B 33 4.80 -21.64 7.42
N HIS B 34 4.48 -21.03 6.28
CA HIS B 34 5.18 -19.81 5.91
C HIS B 34 4.33 -18.61 5.52
N HIS B 35 3.02 -18.76 5.33
CA HIS B 35 2.19 -17.70 4.80
C HIS B 35 1.16 -17.30 5.85
N MET B 36 1.33 -16.13 6.45
CA MET B 36 0.42 -15.60 7.46
C MET B 36 -0.76 -14.95 6.75
N HIS B 37 -1.96 -15.51 6.94
CA HIS B 37 -3.19 -15.09 6.28
C HIS B 37 -3.77 -13.83 6.93
N PRO B 38 -4.31 -12.90 6.13
CA PRO B 38 -5.07 -11.78 6.71
C PRO B 38 -6.25 -12.27 7.54
N PHE B 39 -6.61 -11.49 8.57
CA PHE B 39 -7.85 -11.63 9.34
C PHE B 39 -8.13 -13.10 9.70
N SER B 40 -7.14 -13.71 10.35
CA SER B 40 -7.17 -15.14 10.62
C SER B 40 -6.49 -15.45 11.95
N THR B 41 -6.91 -16.54 12.56
CA THR B 41 -6.13 -17.26 13.57
C THR B 41 -5.32 -18.33 12.85
N GLN B 42 -4.02 -18.06 12.69
CA GLN B 42 -3.18 -18.88 11.81
C GLN B 42 -3.17 -20.35 12.22
N ASN B 43 -3.23 -20.64 13.53
CA ASN B 43 -3.23 -22.02 14.00
C ASN B 43 -4.48 -22.80 13.55
N ASP B 44 -5.57 -22.11 13.21
CA ASP B 44 -6.73 -22.82 12.67
C ASP B 44 -6.39 -23.62 11.42
N PHE B 45 -5.32 -23.25 10.70
CA PHE B 45 -4.97 -23.94 9.47
C PHE B 45 -4.29 -25.28 9.73
N ASN B 46 -3.83 -25.55 10.94
CA ASN B 46 -3.38 -26.90 11.27
C ASN B 46 -4.54 -27.88 11.21
N ASP B 47 -5.74 -27.45 11.62
CA ASP B 47 -6.84 -28.41 11.62
C ASP B 47 -7.52 -28.46 10.27
N THR B 48 -7.96 -27.31 9.77
CA THR B 48 -8.57 -27.22 8.44
C THR B 48 -7.61 -26.45 7.55
N GLY B 49 -6.91 -27.17 6.68
CA GLY B 49 -6.01 -26.51 5.75
C GLY B 49 -6.77 -25.56 4.85
N ALA B 50 -6.06 -24.52 4.41
CA ALA B 50 -6.65 -23.51 3.53
C ALA B 50 -7.05 -24.13 2.20
N ARG B 51 -8.21 -23.75 1.71
CA ARG B 51 -8.65 -24.19 0.39
C ARG B 51 -7.80 -23.52 -0.69
N VAL B 52 -7.29 -24.32 -1.62
CA VAL B 52 -6.32 -23.88 -2.62
C VAL B 52 -7.07 -23.64 -3.92
N ILE B 53 -7.33 -22.37 -4.24
CA ILE B 53 -7.88 -22.00 -5.54
C ILE B 53 -6.77 -22.04 -6.57
N THR B 54 -7.01 -22.75 -7.68
CA THR B 54 -6.01 -22.93 -8.72
C THR B 54 -6.34 -22.22 -10.03
N GLN B 55 -7.62 -21.97 -10.32
CA GLN B 55 -8.03 -21.32 -11.54
C GLN B 55 -9.43 -20.73 -11.34
N ALA B 56 -9.79 -19.83 -12.26
CA ALA B 56 -11.10 -19.19 -12.22
C ALA B 56 -11.47 -18.73 -13.62
N LYS B 57 -12.74 -18.91 -13.97
CA LYS B 57 -13.25 -18.52 -15.27
C LYS B 57 -14.69 -18.06 -15.10
N GLY B 58 -15.01 -16.87 -15.61
CA GLY B 58 -16.36 -16.37 -15.50
C GLY B 58 -16.70 -15.97 -14.08
N VAL B 59 -17.66 -16.68 -13.47
CA VAL B 59 -18.00 -16.52 -12.06
C VAL B 59 -17.55 -17.72 -11.23
N THR B 60 -16.84 -18.67 -11.83
CA THR B 60 -16.57 -19.98 -11.23
C THR B 60 -15.10 -20.14 -10.88
N LEU B 61 -14.85 -20.59 -9.66
CA LEU B 61 -13.53 -20.97 -9.16
C LEU B 61 -13.38 -22.49 -9.20
N THR B 62 -12.14 -22.95 -9.36
CA THR B 62 -11.80 -24.34 -9.23
C THR B 62 -10.71 -24.45 -8.17
N ASP B 63 -10.88 -25.39 -7.24
CA ASP B 63 -9.88 -25.62 -6.21
C ASP B 63 -8.96 -26.79 -6.62
N SER B 64 -7.95 -27.03 -5.79
CA SER B 64 -6.92 -28.01 -6.11
C SER B 64 -7.42 -29.44 -6.07
N GLU B 65 -8.66 -29.68 -5.63
CA GLU B 65 -9.33 -30.97 -5.75
C GLU B 65 -10.32 -31.00 -6.91
N GLY B 66 -10.37 -29.94 -7.72
CA GLY B 66 -11.23 -29.89 -8.88
C GLY B 66 -12.66 -29.47 -8.61
N ALA B 67 -12.96 -28.99 -7.41
CA ALA B 67 -14.31 -28.54 -7.11
C ALA B 67 -14.59 -27.18 -7.76
N GLN B 68 -15.83 -27.00 -8.22
CA GLN B 68 -16.29 -25.81 -8.92
C GLN B 68 -17.17 -24.98 -7.99
N ILE B 69 -16.67 -23.84 -7.55
CA ILE B 69 -17.39 -22.97 -6.61
C ILE B 69 -17.86 -21.73 -7.35
N LEU B 70 -19.15 -21.38 -7.19
CA LEU B 70 -19.66 -20.10 -7.69
C LEU B 70 -19.23 -19.01 -6.72
N ASP B 71 -18.47 -18.03 -7.23
CA ASP B 71 -17.90 -16.96 -6.39
C ASP B 71 -18.89 -15.80 -6.33
N ALA B 72 -19.83 -15.86 -5.39
CA ALA B 72 -20.78 -14.77 -5.23
C ALA B 72 -20.18 -13.54 -4.54
N MET B 73 -18.88 -13.55 -4.26
CA MET B 73 -18.18 -12.42 -3.65
C MET B 73 -17.21 -11.73 -4.59
N ALA B 74 -17.05 -12.25 -5.82
CA ALA B 74 -16.15 -11.68 -6.83
C ALA B 74 -14.75 -11.45 -6.26
N GLY B 75 -14.14 -12.54 -5.80
CA GLY B 75 -12.85 -12.44 -5.15
C GLY B 75 -13.03 -11.86 -3.77
N LEU B 76 -12.84 -10.56 -3.65
CA LEU B 76 -13.12 -9.86 -2.40
C LEU B 76 -13.73 -8.52 -2.81
N TRP B 77 -15.00 -8.57 -3.23
CA TRP B 77 -15.79 -7.45 -3.76
C TRP B 77 -15.14 -6.77 -4.96
N CYS B 78 -14.27 -7.43 -5.72
CA CYS B 78 -13.48 -6.67 -6.67
C CYS B 78 -13.47 -7.18 -8.11
N VAL B 79 -13.79 -8.45 -8.39
CA VAL B 79 -13.61 -8.99 -9.77
C VAL B 79 -14.86 -8.63 -10.56
N ASN B 80 -14.96 -7.34 -10.90
CA ASN B 80 -16.24 -6.81 -11.40
C ASN B 80 -16.56 -7.30 -12.81
N ILE B 81 -15.55 -7.47 -13.66
CA ILE B 81 -15.81 -7.97 -15.01
C ILE B 81 -15.77 -9.49 -15.04
N GLY B 82 -15.69 -10.13 -13.87
CA GLY B 82 -15.54 -11.58 -13.82
C GLY B 82 -14.13 -12.04 -14.17
N TYR B 83 -13.96 -13.35 -14.09
CA TYR B 83 -12.66 -13.96 -14.28
C TYR B 83 -12.44 -14.31 -15.74
N GLY B 84 -11.16 -14.46 -16.11
CA GLY B 84 -10.82 -14.98 -17.43
C GLY B 84 -10.95 -14.00 -18.57
N ARG B 85 -11.06 -12.69 -18.31
CA ARG B 85 -11.01 -11.72 -19.40
C ARG B 85 -9.56 -11.53 -19.82
N GLU B 86 -9.20 -12.10 -20.96
CA GLU B 86 -7.81 -12.21 -21.41
C GLU B 86 -7.22 -10.89 -21.90
N GLU B 87 -8.06 -9.93 -22.26
CA GLU B 87 -7.57 -8.62 -22.68
C GLU B 87 -6.65 -8.01 -21.63
N LEU B 88 -6.95 -8.23 -20.35
CA LEU B 88 -6.16 -7.63 -19.28
C LEU B 88 -4.79 -8.30 -19.17
N ALA B 89 -4.75 -9.63 -19.31
CA ALA B 89 -3.47 -10.32 -19.34
C ALA B 89 -2.63 -9.91 -20.54
N ASP B 90 -3.27 -9.66 -21.70
CA ASP B 90 -2.54 -9.18 -22.87
C ASP B 90 -2.07 -7.74 -22.67
N VAL B 91 -2.92 -6.90 -22.08
CA VAL B 91 -2.54 -5.52 -21.79
C VAL B 91 -1.36 -5.47 -20.83
N ALA B 92 -1.38 -6.32 -19.78
CA ALA B 92 -0.28 -6.29 -18.81
C ALA B 92 1.04 -6.72 -19.46
N ALA B 93 1.03 -7.85 -20.17
CA ALA B 93 2.24 -8.35 -20.80
C ALA B 93 2.85 -7.30 -21.71
N ARG B 94 2.02 -6.70 -22.58
CA ARG B 94 2.53 -5.67 -23.47
C ARG B 94 3.14 -4.50 -22.69
N GLN B 95 2.54 -4.13 -21.56
CA GLN B 95 3.10 -3.03 -20.78
C GLN B 95 4.40 -3.44 -20.10
N MET B 96 4.42 -4.64 -19.52
CA MET B 96 5.61 -5.13 -18.84
C MET B 96 6.80 -5.24 -19.78
N ARG B 97 6.55 -5.55 -21.05
CA ARG B 97 7.63 -5.63 -22.02
C ARG B 97 8.16 -4.24 -22.34
N GLU B 98 7.29 -3.24 -22.47
CA GLU B 98 7.77 -1.94 -22.94
C GLU B 98 8.33 -1.10 -21.79
N LEU B 99 7.58 -0.98 -20.69
CA LEU B 99 8.01 -0.19 -19.53
C LEU B 99 7.37 -0.81 -18.30
N PRO B 100 8.02 -1.80 -17.69
CA PRO B 100 7.38 -2.50 -16.56
C PRO B 100 7.19 -1.60 -15.33
N TYR B 101 8.03 -0.59 -15.16
CA TYR B 101 7.90 0.33 -14.05
C TYR B 101 8.71 1.57 -14.35
N TYR B 102 8.15 2.75 -14.04
CA TYR B 102 8.97 3.91 -13.75
C TYR B 102 8.23 4.76 -12.72
N ASN B 103 8.99 5.60 -12.02
CA ASN B 103 8.41 6.33 -10.90
C ASN B 103 7.79 7.63 -11.39
N THR B 104 6.92 8.19 -10.57
CA THR B 104 6.32 9.49 -10.81
C THR B 104 6.86 10.54 -9.84
N PHE B 105 8.03 10.28 -9.23
CA PHE B 105 8.63 11.14 -8.21
C PHE B 105 9.59 12.17 -8.80
N PHE B 106 10.24 11.83 -9.91
CA PHE B 106 11.42 12.53 -10.40
C PHE B 106 11.04 13.58 -11.44
N LYS B 107 9.95 14.31 -11.24
CA LYS B 107 9.36 15.16 -12.28
C LYS B 107 9.13 14.35 -13.56
N THR B 108 8.67 13.10 -13.37
CA THR B 108 8.55 12.13 -14.46
C THR B 108 7.17 11.49 -14.42
N THR B 109 6.81 10.90 -15.55
CA THR B 109 5.50 10.31 -15.74
C THR B 109 5.60 9.31 -16.88
N HIS B 110 4.49 8.64 -17.14
CA HIS B 110 4.40 7.74 -18.27
C HIS B 110 2.96 7.78 -18.78
N VAL B 111 2.75 7.18 -19.94
CA VAL B 111 1.46 7.25 -20.61
C VAL B 111 0.36 6.52 -19.85
N PRO B 112 0.58 5.30 -19.33
CA PRO B 112 -0.51 4.64 -18.59
C PRO B 112 -1.12 5.47 -17.47
N VAL B 113 -0.31 6.13 -16.63
CA VAL B 113 -0.93 6.88 -15.54
C VAL B 113 -1.60 8.16 -16.08
N ILE B 114 -1.04 8.76 -17.12
CA ILE B 114 -1.67 9.91 -17.77
C ILE B 114 -3.03 9.53 -18.34
N ALA B 115 -3.06 8.46 -19.15
CA ALA B 115 -4.30 7.92 -19.70
C ALA B 115 -5.31 7.61 -18.60
N LEU B 116 -4.90 6.86 -17.58
CA LEU B 116 -5.86 6.41 -16.56
C LEU B 116 -6.39 7.58 -15.74
N SER B 117 -5.57 8.61 -15.52
CA SER B 117 -5.98 9.76 -14.74
C SER B 117 -7.03 10.59 -15.46
N ALA B 118 -6.85 10.82 -16.77
CA ALA B 118 -7.87 11.45 -17.58
C ALA B 118 -9.16 10.62 -17.62
N LYS B 119 -9.03 9.29 -17.72
CA LYS B 119 -10.23 8.45 -17.74
C LYS B 119 -11.00 8.54 -16.43
N LEU B 120 -10.27 8.50 -15.31
CA LEU B 120 -10.91 8.58 -14.00
C LEU B 120 -11.60 9.92 -13.81
N ALA B 121 -10.96 11.00 -14.26
CA ALA B 121 -11.56 12.33 -14.14
C ALA B 121 -12.87 12.39 -14.91
N GLU B 122 -12.89 11.78 -16.10
CA GLU B 122 -14.09 11.79 -16.93
C GLU B 122 -15.23 11.03 -16.27
N LEU B 123 -14.92 9.88 -15.67
CA LEU B 123 -15.95 9.07 -15.04
C LEU B 123 -16.39 9.62 -13.69
N ALA B 124 -15.50 10.29 -12.96
CA ALA B 124 -15.92 10.79 -11.66
C ALA B 124 -16.80 12.02 -11.84
N PRO B 125 -18.00 12.03 -11.27
CA PRO B 125 -18.92 13.14 -11.53
C PRO B 125 -18.40 14.47 -11.00
N GLY B 126 -18.82 15.54 -11.68
CA GLY B 126 -18.48 16.85 -11.17
C GLY B 126 -17.00 17.14 -11.30
N ASP B 127 -16.50 17.96 -10.37
CA ASP B 127 -15.16 18.48 -10.45
C ASP B 127 -14.12 17.58 -9.77
N LEU B 128 -14.46 16.30 -9.53
CA LEU B 128 -13.50 15.30 -9.11
C LEU B 128 -12.65 14.97 -10.33
N ASN B 129 -11.50 15.63 -10.45
CA ASN B 129 -10.78 15.63 -11.71
C ASN B 129 -9.31 15.34 -11.56
N HIS B 130 -8.88 14.85 -10.40
CA HIS B 130 -7.47 14.65 -10.11
C HIS B 130 -7.31 13.35 -9.35
N VAL B 131 -6.24 12.60 -9.60
CA VAL B 131 -6.02 11.32 -8.96
C VAL B 131 -4.65 11.28 -8.31
N PHE B 132 -4.62 11.02 -7.01
CA PHE B 132 -3.40 10.61 -6.32
C PHE B 132 -3.45 9.10 -6.14
N TYR B 133 -2.46 8.40 -6.69
CA TYR B 133 -2.47 6.94 -6.76
C TYR B 133 -1.85 6.31 -5.53
N ALA B 134 -2.34 5.10 -5.24
CA ALA B 134 -1.94 4.28 -4.09
C ALA B 134 -1.88 2.83 -4.56
N GLY B 135 -1.56 1.92 -3.65
CA GLY B 135 -1.55 0.50 -3.97
C GLY B 135 -2.85 -0.19 -3.60
N SER B 136 -3.66 0.45 -2.77
CA SER B 136 -4.75 -0.22 -2.07
C SER B 136 -5.78 0.81 -1.62
N GLY B 137 -6.95 0.30 -1.21
CA GLY B 137 -7.91 1.18 -0.57
C GLY B 137 -7.42 1.69 0.76
N SER B 138 -6.61 0.91 1.47
CA SER B 138 -6.03 1.38 2.71
C SER B 138 -5.09 2.54 2.47
N GLU B 139 -4.19 2.40 1.49
CA GLU B 139 -3.25 3.48 1.24
C GLU B 139 -3.94 4.72 0.65
N ALA B 140 -5.07 4.54 -0.04
CA ALA B 140 -5.82 5.70 -0.51
C ALA B 140 -6.41 6.48 0.65
N ASN B 141 -6.83 5.78 1.70
CA ASN B 141 -7.34 6.50 2.86
C ASN B 141 -6.23 7.06 3.72
N ASP B 142 -5.02 6.51 3.66
CA ASP B 142 -3.87 7.23 4.23
C ASP B 142 -3.62 8.53 3.50
N THR B 143 -3.68 8.48 2.17
CA THR B 143 -3.58 9.72 1.39
C THR B 143 -4.63 10.71 1.83
N ASN B 144 -5.87 10.25 1.96
CA ASN B 144 -6.94 11.16 2.34
C ASN B 144 -6.61 11.86 3.66
N MET B 145 -6.22 11.10 4.69
CA MET B 145 -5.94 11.73 5.99
C MET B 145 -4.87 12.80 5.86
N ARG B 146 -3.79 12.52 5.13
CA ARG B 146 -2.67 13.44 5.05
C ARG B 146 -2.97 14.61 4.12
N LEU B 147 -3.59 14.31 2.97
CA LEU B 147 -3.99 15.35 2.03
C LEU B 147 -4.96 16.35 2.69
N VAL B 148 -5.96 15.85 3.41
CA VAL B 148 -7.03 16.71 3.94
C VAL B 148 -6.51 17.60 5.07
N ARG B 149 -5.76 17.03 6.01
CA ARG B 149 -5.20 17.84 7.08
C ARG B 149 -4.26 18.90 6.53
N HIS B 150 -3.42 18.53 5.57
CA HIS B 150 -2.54 19.50 4.93
C HIS B 150 -3.35 20.55 4.19
N TYR B 151 -4.43 20.13 3.54
CA TYR B 151 -5.33 21.06 2.87
C TYR B 151 -5.90 22.11 3.83
N TRP B 152 -6.39 21.68 4.99
CA TRP B 152 -7.00 22.64 5.92
C TRP B 152 -5.96 23.54 6.58
N SER B 153 -4.73 23.04 6.80
CA SER B 153 -3.64 23.93 7.22
C SER B 153 -3.31 24.94 6.14
N ALA B 154 -3.26 24.49 4.89
CA ALA B 154 -2.92 25.40 3.81
C ALA B 154 -3.99 26.46 3.62
N LYS B 155 -5.25 26.11 3.90
CA LYS B 155 -6.34 27.09 3.99
C LYS B 155 -6.27 27.94 5.25
N GLY B 156 -5.27 27.75 6.10
CA GLY B 156 -5.17 28.60 7.28
C GLY B 156 -5.99 28.14 8.46
N LYS B 157 -6.35 26.87 8.49
CA LYS B 157 -7.14 26.30 9.59
C LYS B 157 -6.54 24.95 9.97
N PRO B 158 -5.34 24.95 10.55
CA PRO B 158 -4.70 23.67 10.91
C PRO B 158 -5.35 22.96 12.09
N SER B 159 -6.24 23.62 12.83
CA SER B 159 -6.94 22.90 13.89
C SER B 159 -7.97 21.92 13.35
N LYS B 160 -8.35 22.03 12.08
CA LYS B 160 -9.33 21.12 11.47
C LYS B 160 -8.62 19.83 11.11
N THR B 161 -8.68 18.87 12.04
CA THR B 161 -7.94 17.63 11.87
C THR B 161 -8.79 16.37 11.99
N ILE B 162 -9.95 16.43 12.63
CA ILE B 162 -10.69 15.22 12.99
C ILE B 162 -11.35 14.62 11.76
N PHE B 163 -11.14 13.33 11.55
CA PHE B 163 -11.99 12.55 10.67
C PHE B 163 -13.11 11.94 11.49
N ILE B 164 -14.35 12.11 11.02
CA ILE B 164 -15.53 11.49 11.60
C ILE B 164 -15.93 10.30 10.74
N SER B 165 -16.00 9.13 11.35
CA SER B 165 -16.38 7.90 10.67
C SER B 165 -17.58 7.28 11.40
N ARG B 166 -17.78 5.97 11.25
CA ARG B 166 -18.92 5.31 11.84
C ARG B 166 -18.49 3.98 12.43
N LYS B 167 -19.20 3.58 13.50
CA LYS B 167 -19.08 2.23 14.01
C LYS B 167 -19.42 1.26 12.91
N ASN B 168 -18.65 0.18 12.79
CA ASN B 168 -18.88 -0.85 11.78
C ASN B 168 -18.65 -0.32 10.37
N ALA B 169 -18.01 0.84 10.24
CA ALA B 169 -17.48 1.23 8.94
C ALA B 169 -16.19 0.45 8.67
N TYR B 170 -15.81 0.37 7.41
CA TYR B 170 -14.54 -0.28 7.08
C TYR B 170 -13.84 0.56 6.05
N HIS B 171 -12.62 1.00 6.37
CA HIS B 171 -11.88 1.88 5.49
C HIS B 171 -10.42 1.44 5.30
N GLY B 172 -10.11 0.18 5.54
CA GLY B 172 -8.78 -0.35 5.29
C GLY B 172 -8.16 -0.92 6.54
N SER B 173 -6.90 -1.36 6.37
CA SER B 173 -6.21 -2.07 7.45
C SER B 173 -4.83 -1.49 7.75
N THR B 174 -4.47 -0.35 7.16
CA THR B 174 -3.29 0.31 7.68
C THR B 174 -3.64 0.88 9.06
N MET B 175 -2.65 1.51 9.69
CA MET B 175 -2.87 2.21 10.95
C MET B 175 -4.00 3.22 10.78
N ALA B 176 -3.94 4.02 9.71
CA ALA B 176 -5.02 4.97 9.43
C ALA B 176 -6.30 4.26 9.03
N GLY B 177 -6.21 3.39 8.01
CA GLY B 177 -7.40 2.67 7.55
C GLY B 177 -8.16 2.01 8.69
N ALA B 178 -7.44 1.28 9.54
CA ALA B 178 -8.10 0.58 10.65
C ALA B 178 -8.73 1.57 11.63
N SER B 179 -8.15 2.77 11.75
CA SER B 179 -8.67 3.75 12.69
C SER B 179 -9.92 4.41 12.15
N LEU B 180 -9.97 4.61 10.82
CA LEU B 180 -11.18 5.15 10.21
C LEU B 180 -12.31 4.12 10.23
N GLY B 181 -12.01 2.86 9.93
CA GLY B 181 -13.03 1.86 10.13
C GLY B 181 -13.53 1.84 11.57
N GLY B 182 -14.73 1.29 11.80
CA GLY B 182 -15.26 1.14 13.14
C GLY B 182 -15.33 -0.29 13.68
N MET B 183 -14.32 -1.12 13.43
CA MET B 183 -14.30 -2.49 13.94
C MET B 183 -13.47 -2.51 15.23
N VAL B 184 -14.15 -2.59 16.37
CA VAL B 184 -13.48 -2.73 17.67
C VAL B 184 -12.35 -3.76 17.60
N PRO B 185 -12.58 -4.98 17.09
CA PRO B 185 -11.46 -5.93 16.98
C PRO B 185 -10.24 -5.37 16.27
N MET B 186 -10.43 -4.52 15.27
CA MET B 186 -9.28 -3.89 14.62
C MET B 186 -8.67 -2.83 15.53
N HIS B 187 -9.50 -2.01 16.18
CA HIS B 187 -8.95 -1.02 17.11
C HIS B 187 -8.14 -1.67 18.22
N GLN B 188 -8.48 -2.91 18.62
CA GLN B 188 -7.78 -3.59 19.70
C GLN B 188 -6.35 -4.02 19.35
N GLN B 189 -5.90 -3.78 18.12
CA GLN B 189 -4.61 -4.27 17.67
C GLN B 189 -3.87 -3.11 16.98
N GLY B 190 -2.87 -2.57 17.67
CA GLY B 190 -2.06 -1.48 17.15
C GLY B 190 -2.09 -0.17 17.92
N SER B 191 -2.68 -0.15 19.11
CA SER B 191 -2.96 1.09 19.86
C SER B 191 -3.84 2.03 19.02
N LEU B 192 -5.03 1.56 18.70
CA LEU B 192 -5.93 2.26 17.79
C LEU B 192 -7.20 2.71 18.48
N PRO B 193 -7.89 3.75 17.97
CA PRO B 193 -7.56 4.55 16.78
C PRO B 193 -6.50 5.64 17.00
N ILE B 194 -5.82 6.01 15.92
CA ILE B 194 -4.87 7.13 15.93
C ILE B 194 -5.62 8.43 16.27
N PRO B 195 -4.92 9.49 16.70
CA PRO B 195 -5.63 10.69 17.19
C PRO B 195 -6.53 11.33 16.16
N ASP B 196 -7.60 11.94 16.68
CA ASP B 196 -8.50 12.78 15.91
C ASP B 196 -9.27 11.95 14.89
N VAL B 197 -9.65 10.74 15.29
CA VAL B 197 -10.58 9.93 14.52
C VAL B 197 -11.76 9.60 15.42
N HIS B 198 -12.96 9.99 15.01
CA HIS B 198 -14.14 9.78 15.81
C HIS B 198 -15.16 9.00 14.99
N HIS B 199 -16.15 8.44 15.70
CA HIS B 199 -17.09 7.51 15.12
C HIS B 199 -18.48 7.82 15.65
N ILE B 200 -19.43 8.05 14.74
CA ILE B 200 -20.83 8.14 15.10
C ILE B 200 -21.47 6.80 14.76
N ASN B 201 -22.77 6.67 15.00
CA ASN B 201 -23.43 5.39 14.82
C ASN B 201 -23.71 5.10 13.35
N GLN B 202 -23.92 3.80 13.04
CA GLN B 202 -24.21 3.34 11.68
C GLN B 202 -25.72 3.28 11.43
N PRO B 203 -26.19 3.49 10.19
CA PRO B 203 -27.64 3.37 9.91
C PRO B 203 -28.07 1.94 9.59
N ASN B 204 -27.86 1.03 10.56
CA ASN B 204 -28.35 -0.35 10.49
C ASN B 204 -29.69 -0.43 11.23
N TRP B 205 -30.77 -0.22 10.49
CA TRP B 205 -32.08 -0.25 11.11
C TRP B 205 -32.36 -1.59 11.79
N TRP B 206 -32.10 -2.70 11.08
CA TRP B 206 -32.52 -4.01 11.56
C TRP B 206 -32.06 -4.29 12.98
N ALA B 207 -30.79 -4.02 13.28
CA ALA B 207 -30.25 -4.28 14.61
C ALA B 207 -30.37 -3.10 15.58
N GLU B 208 -30.34 -1.86 15.09
CA GLU B 208 -30.29 -0.71 15.98
C GLU B 208 -31.52 0.17 15.93
N GLY B 209 -32.53 -0.18 15.14
CA GLY B 209 -33.61 0.74 14.88
C GLY B 209 -34.59 0.92 16.03
N GLY B 210 -34.57 0.02 17.01
CA GLY B 210 -35.56 0.09 18.07
C GLY B 210 -36.94 -0.10 17.49
N ASP B 211 -37.87 0.79 17.84
CA ASP B 211 -39.18 0.77 17.19
C ASP B 211 -39.47 2.04 16.40
N MET B 212 -38.43 2.80 16.07
CA MET B 212 -38.55 3.86 15.08
C MET B 212 -38.77 3.27 13.70
N SER B 213 -39.44 4.04 12.85
CA SER B 213 -39.53 3.67 11.44
C SER B 213 -38.13 3.72 10.83
N PRO B 214 -37.90 2.99 9.74
CA PRO B 214 -36.63 3.13 9.03
C PRO B 214 -36.36 4.57 8.63
N GLU B 215 -37.39 5.23 8.13
CA GLU B 215 -37.28 6.60 7.64
C GLU B 215 -36.84 7.56 8.73
N GLU B 216 -37.44 7.45 9.93
CA GLU B 216 -37.06 8.36 11.02
C GLU B 216 -35.71 7.96 11.62
N PHE B 217 -35.44 6.65 11.71
CA PHE B 217 -34.12 6.17 12.15
C PHE B 217 -33.01 6.67 11.24
N GLY B 218 -33.25 6.63 9.91
CA GLY B 218 -32.27 7.18 8.99
C GLY B 218 -32.01 8.67 9.21
N LEU B 219 -33.06 9.44 9.52
CA LEU B 219 -32.85 10.84 9.86
C LEU B 219 -32.03 10.99 11.15
N GLN B 220 -32.39 10.25 12.20
CA GLN B 220 -31.66 10.35 13.46
C GLN B 220 -30.18 10.06 13.28
N ARG B 221 -29.86 8.95 12.61
CA ARG B 221 -28.47 8.55 12.40
C ARG B 221 -27.70 9.59 11.59
N ALA B 222 -28.35 10.17 10.57
CA ALA B 222 -27.69 11.23 9.82
C ALA B 222 -27.47 12.47 10.69
N GLN B 223 -28.46 12.82 11.51
CA GLN B 223 -28.32 14.01 12.34
C GLN B 223 -27.15 13.90 13.30
N GLU B 224 -26.75 12.68 13.68
CA GLU B 224 -25.59 12.47 14.54
C GLU B 224 -24.32 13.12 13.99
N LEU B 225 -24.24 13.34 12.67
CA LEU B 225 -23.08 14.02 12.09
C LEU B 225 -23.08 15.50 12.49
N GLU B 226 -24.23 16.16 12.42
CA GLU B 226 -24.27 17.56 12.86
C GLU B 226 -23.98 17.66 14.35
N GLU B 227 -24.52 16.74 15.16
CA GLU B 227 -24.25 16.83 16.60
C GLU B 227 -22.77 16.58 16.89
N ALA B 228 -22.17 15.61 16.20
CA ALA B 228 -20.73 15.38 16.34
C ALA B 228 -19.93 16.63 15.93
N ILE B 229 -20.32 17.28 14.84
CA ILE B 229 -19.63 18.51 14.45
C ILE B 229 -19.72 19.53 15.58
N LEU B 230 -20.93 19.76 16.09
CA LEU B 230 -21.11 20.78 17.12
C LEU B 230 -20.44 20.38 18.42
N GLU B 231 -20.50 19.10 18.78
CA GLU B 231 -19.83 18.63 19.98
C GLU B 231 -18.32 18.82 19.87
N LEU B 232 -17.73 18.38 18.75
CA LEU B 232 -16.29 18.46 18.62
C LEU B 232 -15.81 19.84 18.21
N GLY B 233 -16.71 20.68 17.70
CA GLY B 233 -16.35 21.98 17.18
C GLY B 233 -16.09 21.91 15.70
N GLU B 234 -16.70 22.80 14.93
CA GLU B 234 -16.46 22.82 13.49
C GLU B 234 -15.02 23.17 13.16
N ASP B 235 -14.36 23.99 13.99
CA ASP B 235 -12.97 24.32 13.73
C ASP B 235 -12.01 23.17 13.99
N ARG B 236 -12.50 22.03 14.49
CA ARG B 236 -11.67 20.86 14.75
C ARG B 236 -11.88 19.73 13.75
N VAL B 237 -12.96 19.79 12.98
CA VAL B 237 -13.38 18.69 12.13
C VAL B 237 -12.84 18.92 10.72
N ALA B 238 -12.16 17.92 10.20
CA ALA B 238 -11.62 18.01 8.84
C ALA B 238 -12.55 17.37 7.81
N ALA B 239 -13.21 16.28 8.16
CA ALA B 239 -13.88 15.50 7.13
C ALA B 239 -14.83 14.49 7.76
N PHE B 240 -15.85 14.15 6.97
CA PHE B 240 -16.67 12.97 7.16
C PHE B 240 -16.34 11.98 6.04
N ILE B 241 -15.94 10.77 6.42
CA ILE B 241 -15.64 9.69 5.48
C ILE B 241 -16.63 8.56 5.73
N ALA B 242 -17.19 7.99 4.66
CA ALA B 242 -18.23 6.98 4.77
C ALA B 242 -18.33 6.18 3.48
N GLU B 243 -18.62 4.88 3.62
CA GLU B 243 -19.03 4.04 2.50
C GLU B 243 -20.46 4.39 2.12
N PRO B 244 -20.75 4.71 0.84
CA PRO B 244 -22.14 4.93 0.43
C PRO B 244 -23.09 3.82 0.93
N ILE B 245 -22.65 2.57 0.82
CA ILE B 245 -23.29 1.40 1.42
C ILE B 245 -22.16 0.62 2.08
N GLN B 246 -22.18 0.50 3.40
CA GLN B 246 -21.20 -0.27 4.15
C GLN B 246 -21.10 -1.68 3.60
N GLY B 247 -19.87 -2.10 3.26
CA GLY B 247 -19.67 -3.43 2.72
C GLY B 247 -19.30 -4.46 3.77
N ALA B 248 -18.09 -4.36 4.32
CA ALA B 248 -17.62 -5.36 5.29
C ALA B 248 -18.42 -5.34 6.58
N GLY B 249 -19.15 -4.26 6.87
CA GLY B 249 -20.05 -4.24 8.00
C GLY B 249 -21.27 -5.15 7.87
N GLY B 250 -21.55 -5.64 6.66
CA GLY B 250 -22.60 -6.61 6.48
C GLY B 250 -23.59 -6.18 5.43
N VAL B 251 -23.12 -5.44 4.42
CA VAL B 251 -23.92 -4.79 3.39
C VAL B 251 -25.10 -4.08 4.03
N ILE B 252 -24.84 -3.00 4.75
CA ILE B 252 -25.87 -2.25 5.46
C ILE B 252 -26.38 -1.16 4.51
N VAL B 253 -27.61 -1.33 4.04
CA VAL B 253 -28.25 -0.36 3.17
C VAL B 253 -28.93 0.68 4.06
N PRO B 254 -28.59 1.96 3.95
CA PRO B 254 -29.21 2.97 4.81
C PRO B 254 -30.63 3.26 4.36
N PRO B 255 -31.49 3.73 5.26
CA PRO B 255 -32.81 4.22 4.84
C PRO B 255 -32.67 5.34 3.82
N GLU B 256 -33.76 5.56 3.06
CA GLU B 256 -33.81 6.63 2.07
C GLU B 256 -33.55 8.00 2.69
N THR B 257 -33.90 8.18 3.96
CA THR B 257 -33.70 9.48 4.59
C THR B 257 -32.25 9.77 4.94
N TYR B 258 -31.36 8.78 4.88
CA TYR B 258 -30.07 8.94 5.55
C TYR B 258 -29.14 9.88 4.80
N TRP B 259 -28.82 9.57 3.55
CA TRP B 259 -27.85 10.35 2.78
C TRP B 259 -28.33 11.76 2.40
N PRO B 260 -29.63 11.99 2.15
CA PRO B 260 -30.09 13.37 1.96
C PRO B 260 -29.82 14.28 3.16
N GLU B 261 -29.94 13.76 4.38
CA GLU B 261 -29.64 14.60 5.54
C GLU B 261 -28.14 14.72 5.77
N ILE B 262 -27.35 13.70 5.44
CA ILE B 262 -25.89 13.83 5.49
C ILE B 262 -25.44 14.95 4.55
N GLN B 263 -25.92 14.90 3.30
CA GLN B 263 -25.59 15.93 2.33
C GLN B 263 -25.99 17.31 2.83
N ARG B 264 -27.21 17.43 3.36
CA ARG B 264 -27.66 18.70 3.93
C ARG B 264 -26.65 19.19 4.98
N ILE B 265 -26.21 18.30 5.87
CA ILE B 265 -25.27 18.71 6.93
C ILE B 265 -23.93 19.11 6.32
N CYS B 266 -23.43 18.31 5.38
CA CYS B 266 -22.15 18.63 4.75
C CYS B 266 -22.23 19.95 3.98
N ASP B 267 -23.40 20.24 3.38
CA ASP B 267 -23.60 21.52 2.70
C ASP B 267 -23.51 22.70 3.67
N LYS B 268 -24.00 22.52 4.89
CA LYS B 268 -24.11 23.61 5.84
C LYS B 268 -22.75 23.96 6.46
N TYR B 269 -21.94 22.95 6.78
CA TYR B 269 -20.74 23.17 7.56
C TYR B 269 -19.49 22.99 6.72
N GLU B 270 -18.39 23.58 7.21
CA GLU B 270 -17.09 23.56 6.55
C GLU B 270 -16.44 22.21 6.83
N ILE B 271 -16.77 21.22 6.01
CA ILE B 271 -16.34 19.85 6.19
C ILE B 271 -16.18 19.21 4.82
N LEU B 272 -15.14 18.38 4.65
CA LEU B 272 -14.98 17.62 3.41
C LEU B 272 -15.74 16.31 3.52
N LEU B 273 -16.43 15.95 2.45
CA LEU B 273 -17.16 14.68 2.37
C LEU B 273 -16.31 13.68 1.60
N ILE B 274 -15.95 12.57 2.25
CA ILE B 274 -15.11 11.58 1.62
C ILE B 274 -15.95 10.31 1.43
N ALA B 275 -16.30 10.03 0.18
CA ALA B 275 -16.99 8.79 -0.15
C ALA B 275 -15.97 7.69 -0.32
N ASP B 276 -15.98 6.68 0.56
CA ASP B 276 -15.10 5.55 0.34
C ASP B 276 -15.79 4.64 -0.67
N GLU B 277 -15.36 4.76 -1.92
CA GLU B 277 -15.90 4.01 -3.05
C GLU B 277 -15.11 2.75 -3.37
N VAL B 278 -14.39 2.20 -2.40
CA VAL B 278 -13.53 1.06 -2.69
C VAL B 278 -14.36 -0.17 -3.09
N ILE B 279 -15.45 -0.43 -2.39
CA ILE B 279 -16.36 -1.51 -2.81
C ILE B 279 -17.38 -1.01 -3.83
N CYS B 280 -17.93 0.18 -3.58
CA CYS B 280 -19.07 0.68 -4.35
C CYS B 280 -18.68 1.16 -5.74
N GLY B 281 -17.42 1.52 -5.96
CA GLY B 281 -17.05 2.10 -7.24
C GLY B 281 -17.08 1.11 -8.38
N PHE B 282 -17.24 1.66 -9.58
CA PHE B 282 -17.10 0.92 -10.84
C PHE B 282 -18.18 -0.15 -11.01
N GLY B 283 -19.43 0.27 -10.82
CA GLY B 283 -20.58 -0.50 -11.22
C GLY B 283 -21.27 -1.30 -10.12
N ARG B 284 -20.66 -1.43 -8.94
CA ARG B 284 -21.18 -2.33 -7.92
C ARG B 284 -22.62 -1.96 -7.51
N THR B 285 -22.98 -0.67 -7.53
CA THR B 285 -24.32 -0.24 -7.12
C THR B 285 -25.21 0.18 -8.28
N GLY B 286 -24.86 -0.17 -9.52
CA GLY B 286 -25.66 0.28 -10.66
C GLY B 286 -25.25 1.62 -11.25
N ASN B 287 -24.15 2.19 -10.80
CA ASN B 287 -23.62 3.41 -11.34
C ASN B 287 -22.10 3.31 -11.29
N TRP B 288 -21.44 4.27 -11.91
CA TRP B 288 -20.00 4.29 -11.79
C TRP B 288 -19.56 4.38 -10.33
N PHE B 289 -20.33 5.09 -9.50
CA PHE B 289 -19.96 5.28 -8.10
C PHE B 289 -21.20 5.21 -7.20
N GLY B 290 -21.01 4.62 -6.02
CA GLY B 290 -22.09 4.61 -5.03
C GLY B 290 -22.62 5.99 -4.70
N SER B 291 -21.73 7.00 -4.72
CA SER B 291 -22.13 8.39 -4.53
C SER B 291 -23.26 8.78 -5.48
N GLN B 292 -23.16 8.36 -6.74
CA GLN B 292 -24.22 8.65 -7.69
C GLN B 292 -25.52 7.99 -7.26
N THR B 293 -25.43 6.72 -6.86
CA THR B 293 -26.60 5.96 -6.51
C THR B 293 -27.31 6.57 -5.30
N VAL B 294 -26.57 6.89 -4.23
CA VAL B 294 -27.23 7.41 -3.03
C VAL B 294 -27.42 8.92 -3.07
N GLY B 295 -26.87 9.61 -4.05
CA GLY B 295 -27.22 11.00 -4.30
C GLY B 295 -26.39 12.03 -3.57
N ILE B 296 -25.09 11.80 -3.40
CA ILE B 296 -24.25 12.74 -2.66
C ILE B 296 -23.11 13.20 -3.55
N LYS B 297 -22.36 14.18 -3.06
CA LYS B 297 -21.34 14.87 -3.85
C LYS B 297 -20.07 14.97 -3.03
N PRO B 298 -19.24 13.93 -3.06
CA PRO B 298 -18.03 13.93 -2.24
C PRO B 298 -16.99 14.88 -2.80
N HIS B 299 -16.10 15.33 -1.91
CA HIS B 299 -14.95 16.11 -2.36
C HIS B 299 -13.80 15.22 -2.79
N ILE B 300 -13.83 13.97 -2.32
CA ILE B 300 -12.81 12.97 -2.53
C ILE B 300 -13.52 11.61 -2.57
N MET B 301 -13.06 10.75 -3.47
CA MET B 301 -13.48 9.35 -3.49
C MET B 301 -12.25 8.46 -3.37
N SER B 302 -12.28 7.53 -2.42
CA SER B 302 -11.27 6.50 -2.32
C SER B 302 -11.65 5.37 -3.28
N ILE B 303 -10.70 4.88 -4.07
CA ILE B 303 -10.97 3.81 -5.00
C ILE B 303 -9.91 2.72 -4.90
N ALA B 304 -10.31 1.51 -5.26
CA ALA B 304 -9.43 0.34 -5.34
C ALA B 304 -10.27 -0.79 -5.92
N LYS B 305 -9.94 -2.04 -5.58
CA LYS B 305 -10.79 -3.19 -5.93
C LYS B 305 -11.24 -3.16 -7.38
N GLY B 306 -12.51 -2.77 -7.62
CA GLY B 306 -13.11 -2.82 -8.95
C GLY B 306 -12.45 -1.92 -9.97
N LEU B 307 -11.66 -0.95 -9.52
CA LEU B 307 -10.86 -0.14 -10.44
C LEU B 307 -10.06 -1.01 -11.44
N SER B 308 -9.52 -2.14 -11.00
CA SER B 308 -8.80 -3.06 -11.89
C SER B 308 -9.43 -4.44 -11.96
N SER B 309 -10.69 -4.57 -11.55
CA SER B 309 -11.37 -5.84 -11.27
C SER B 309 -10.49 -6.82 -10.49
N GLY B 310 -9.58 -6.31 -9.65
CA GLY B 310 -8.71 -7.16 -8.88
C GLY B 310 -7.55 -7.80 -9.63
N TYR B 311 -7.44 -7.59 -10.95
CA TYR B 311 -6.41 -8.27 -11.73
C TYR B 311 -5.01 -7.71 -11.51
N ALA B 312 -4.89 -6.44 -11.08
CA ALA B 312 -3.60 -5.85 -10.72
C ALA B 312 -3.82 -4.95 -9.52
N PRO B 313 -2.93 -4.97 -8.54
CA PRO B 313 -3.12 -4.12 -7.35
C PRO B 313 -2.96 -2.66 -7.71
N ILE B 314 -3.99 -1.86 -7.39
CA ILE B 314 -3.98 -0.42 -7.64
C ILE B 314 -5.15 0.19 -6.89
N GLY B 315 -4.92 1.36 -6.29
CA GLY B 315 -5.97 2.19 -5.73
C GLY B 315 -5.60 3.65 -5.84
N GLY B 316 -6.43 4.52 -5.27
CA GLY B 316 -6.17 5.95 -5.40
C GLY B 316 -7.26 6.80 -4.80
N SER B 317 -7.00 8.11 -4.82
CA SER B 317 -7.93 9.13 -4.35
C SER B 317 -8.26 10.04 -5.52
N ILE B 318 -9.53 10.12 -5.87
CA ILE B 318 -10.00 11.12 -6.81
C ILE B 318 -10.38 12.35 -6.02
N VAL B 319 -9.86 13.49 -6.43
CA VAL B 319 -9.86 14.71 -5.63
C VAL B 319 -10.51 15.84 -6.41
N CYS B 320 -11.39 16.59 -5.74
CA CYS B 320 -12.06 17.72 -6.36
C CYS B 320 -11.07 18.82 -6.66
N ASP B 321 -11.43 19.68 -7.64
CA ASP B 321 -10.56 20.75 -8.09
C ASP B 321 -10.05 21.58 -6.93
N GLU B 322 -10.95 22.00 -6.04
CA GLU B 322 -10.59 22.99 -5.05
C GLU B 322 -9.52 22.47 -4.12
N VAL B 323 -9.66 21.23 -3.65
CA VAL B 323 -8.65 20.62 -2.80
C VAL B 323 -7.34 20.45 -3.57
N ALA B 324 -7.43 20.06 -4.84
CA ALA B 324 -6.23 19.84 -5.64
C ALA B 324 -5.51 21.15 -5.92
N GLU B 325 -6.26 22.21 -6.19
CA GLU B 325 -5.65 23.51 -6.49
C GLU B 325 -4.87 24.03 -5.30
N VAL B 326 -5.46 23.99 -4.11
CA VAL B 326 -4.81 24.49 -2.91
C VAL B 326 -3.54 23.69 -2.62
N VAL B 327 -3.63 22.36 -2.73
CA VAL B 327 -2.46 21.57 -2.40
C VAL B 327 -1.41 21.65 -3.50
N ALA B 328 -1.83 21.97 -4.73
CA ALA B 328 -0.89 21.99 -5.84
C ALA B 328 0.10 23.15 -5.71
N ALA B 329 -0.22 24.15 -4.89
CA ALA B 329 0.68 25.24 -4.59
C ALA B 329 1.63 24.91 -3.42
N THR B 330 1.58 23.69 -2.91
CA THR B 330 2.44 23.28 -1.82
C THR B 330 3.27 22.07 -2.25
N GLU B 331 4.44 21.91 -1.64
CA GLU B 331 5.17 20.66 -1.73
C GLU B 331 4.40 19.61 -0.96
N PHE B 332 3.89 18.59 -1.64
CA PHE B 332 3.10 17.56 -0.97
C PHE B 332 3.99 16.34 -0.74
N ASN B 333 4.40 16.13 0.52
CA ASN B 333 5.41 15.13 0.84
C ASN B 333 4.78 13.78 1.16
N HIS B 334 4.16 13.19 0.13
CA HIS B 334 3.43 11.94 0.28
C HIS B 334 3.51 11.14 -1.02
N GLY B 335 3.42 9.82 -0.90
CA GLY B 335 3.25 8.98 -2.07
C GLY B 335 4.06 7.71 -1.97
N TYR B 336 3.79 6.79 -2.88
CA TYR B 336 4.30 5.42 -2.75
C TYR B 336 5.11 5.04 -3.98
N THR B 337 6.11 4.19 -3.77
CA THR B 337 6.97 3.78 -4.89
C THR B 337 6.12 3.31 -6.07
N TYR B 338 5.04 2.59 -5.80
CA TYR B 338 4.24 2.02 -6.88
C TYR B 338 3.04 2.90 -7.26
N SER B 339 2.94 4.11 -6.72
CA SER B 339 1.92 5.05 -7.15
C SER B 339 1.92 5.16 -8.68
N GLY B 340 0.79 4.82 -9.28
CA GLY B 340 0.64 4.94 -10.72
C GLY B 340 1.41 3.90 -11.50
N HIS B 341 1.69 2.76 -10.90
CA HIS B 341 2.48 1.72 -11.53
C HIS B 341 2.00 1.48 -12.97
N PRO B 342 2.87 1.63 -13.99
CA PRO B 342 2.39 1.65 -15.39
C PRO B 342 1.59 0.42 -15.78
N VAL B 343 1.97 -0.76 -15.27
CA VAL B 343 1.29 -1.99 -15.63
C VAL B 343 -0.10 -2.02 -14.99
N ALA B 344 -0.16 -1.73 -13.69
CA ALA B 344 -1.43 -1.58 -13.00
C ALA B 344 -2.35 -0.59 -13.72
N CYS B 345 -1.80 0.57 -14.11
CA CYS B 345 -2.62 1.56 -14.81
C CYS B 345 -3.10 1.04 -16.16
N ALA B 346 -2.24 0.32 -16.87
CA ALA B 346 -2.65 -0.23 -18.15
C ALA B 346 -3.75 -1.28 -17.96
N VAL B 347 -3.64 -2.09 -16.92
CA VAL B 347 -4.66 -3.09 -16.60
C VAL B 347 -5.98 -2.41 -16.19
N ALA B 348 -5.88 -1.44 -15.28
CA ALA B 348 -7.08 -0.71 -14.84
C ALA B 348 -7.79 -0.05 -16.02
N LEU B 349 -7.02 0.53 -16.93
CA LEU B 349 -7.62 1.24 -18.06
C LEU B 349 -8.39 0.27 -18.96
N GLU B 350 -7.83 -0.92 -19.22
CA GLU B 350 -8.56 -1.91 -20.00
C GLU B 350 -9.80 -2.38 -19.26
N ASN B 351 -9.72 -2.52 -17.92
CA ASN B 351 -10.90 -2.85 -17.12
C ASN B 351 -12.03 -1.87 -17.38
N LEU B 352 -11.74 -0.57 -17.29
CA LEU B 352 -12.74 0.47 -17.49
C LEU B 352 -13.25 0.48 -18.93
N ARG B 353 -12.37 0.26 -19.91
CA ARG B 353 -12.85 0.16 -21.28
C ARG B 353 -13.84 -0.99 -21.43
N ILE B 354 -13.53 -2.14 -20.82
CA ILE B 354 -14.41 -3.30 -20.91
C ILE B 354 -15.74 -3.04 -20.20
N ILE B 355 -15.69 -2.42 -19.02
CA ILE B 355 -16.94 -2.05 -18.34
C ILE B 355 -17.74 -1.07 -19.20
N GLU B 356 -17.07 -0.05 -19.70
CA GLU B 356 -17.76 1.01 -20.42
C GLU B 356 -18.30 0.52 -21.75
N GLU B 357 -17.42 0.01 -22.62
CA GLU B 357 -17.82 -0.27 -23.99
C GLU B 357 -18.71 -1.51 -24.11
N GLU B 358 -18.63 -2.45 -23.17
CA GLU B 358 -19.57 -3.56 -23.13
C GLU B 358 -20.78 -3.28 -22.25
N ASN B 359 -20.92 -2.03 -21.79
CA ASN B 359 -22.10 -1.56 -21.05
C ASN B 359 -22.42 -2.45 -19.85
N ILE B 360 -21.38 -2.91 -19.15
CA ILE B 360 -21.57 -3.79 -18.00
C ILE B 360 -22.43 -3.12 -16.94
N ILE B 361 -22.35 -1.79 -16.80
CA ILE B 361 -23.21 -1.12 -15.83
C ILE B 361 -24.66 -1.17 -16.27
N GLY B 362 -24.92 -1.00 -17.57
CA GLY B 362 -26.25 -1.24 -18.09
C GLY B 362 -26.73 -2.66 -17.83
N HIS B 363 -25.86 -3.64 -18.08
CA HIS B 363 -26.17 -5.02 -17.73
C HIS B 363 -26.60 -5.13 -16.27
N VAL B 364 -25.91 -4.44 -15.37
CA VAL B 364 -26.33 -4.43 -13.97
C VAL B 364 -27.70 -3.76 -13.84
N ARG B 365 -27.80 -2.51 -14.31
CA ARG B 365 -29.00 -1.70 -14.07
C ARG B 365 -30.25 -2.36 -14.65
N ASP B 366 -30.19 -2.79 -15.90
CA ASP B 366 -31.40 -3.19 -16.59
C ASP B 366 -31.64 -4.69 -16.58
N ASP B 367 -30.57 -5.49 -16.52
CA ASP B 367 -30.72 -6.93 -16.63
C ASP B 367 -30.59 -7.60 -15.26
N VAL B 368 -29.37 -7.78 -14.76
CA VAL B 368 -29.19 -8.74 -13.69
C VAL B 368 -29.64 -8.17 -12.33
N ALA B 369 -29.30 -6.94 -12.01
CA ALA B 369 -29.67 -6.41 -10.68
C ALA B 369 -31.17 -6.46 -10.40
N PRO B 370 -32.08 -6.08 -11.32
CA PRO B 370 -33.50 -6.28 -11.03
C PRO B 370 -33.87 -7.72 -10.77
N TYR B 371 -33.26 -8.65 -11.50
CA TYR B 371 -33.55 -10.07 -11.29
C TYR B 371 -33.02 -10.53 -9.94
N LEU B 372 -31.75 -10.25 -9.67
CA LEU B 372 -31.17 -10.60 -8.39
C LEU B 372 -31.98 -10.01 -7.24
N LYS B 373 -32.40 -8.75 -7.38
CA LYS B 373 -33.20 -8.11 -6.33
C LYS B 373 -34.46 -8.93 -6.03
N GLU B 374 -35.23 -9.26 -7.06
CA GLU B 374 -36.46 -10.03 -6.86
C GLU B 374 -36.16 -11.35 -6.18
N LYS B 375 -35.09 -12.02 -6.60
CA LYS B 375 -34.76 -13.31 -6.02
C LYS B 375 -34.19 -13.16 -4.62
N TRP B 376 -33.30 -12.19 -4.43
CA TRP B 376 -32.67 -11.99 -3.13
C TRP B 376 -33.69 -11.52 -2.09
N GLU B 377 -34.59 -10.61 -2.46
CA GLU B 377 -35.59 -10.16 -1.50
C GLU B 377 -36.61 -11.22 -1.17
N ALA B 378 -36.85 -12.18 -2.07
CA ALA B 378 -37.73 -13.30 -1.75
C ALA B 378 -37.16 -14.21 -0.67
N LEU B 379 -35.86 -14.11 -0.37
CA LEU B 379 -35.31 -14.91 0.72
C LEU B 379 -35.84 -14.46 2.06
N ALA B 380 -36.37 -13.24 2.15
CA ALA B 380 -37.08 -12.82 3.35
C ALA B 380 -38.26 -13.74 3.65
N ASP B 381 -38.75 -14.48 2.65
CA ASP B 381 -39.78 -15.48 2.92
C ASP B 381 -39.24 -16.67 3.69
N HIS B 382 -37.93 -16.90 3.68
CA HIS B 382 -37.37 -18.05 4.39
C HIS B 382 -37.51 -17.85 5.90
N PRO B 383 -37.84 -18.90 6.65
CA PRO B 383 -38.10 -18.74 8.09
C PRO B 383 -36.95 -18.17 8.88
N LEU B 384 -35.70 -18.41 8.46
CA LEU B 384 -34.54 -17.95 9.19
C LEU B 384 -34.14 -16.51 8.86
N VAL B 385 -34.75 -15.90 7.85
CA VAL B 385 -34.29 -14.66 7.25
C VAL B 385 -35.25 -13.54 7.65
N GLY B 386 -34.79 -12.59 8.45
CA GLY B 386 -35.63 -11.48 8.85
C GLY B 386 -35.70 -10.31 7.88
N GLU B 387 -34.66 -10.13 7.06
CA GLU B 387 -34.67 -9.07 6.07
C GLU B 387 -33.67 -9.41 4.97
N ALA B 388 -33.97 -8.93 3.77
CA ALA B 388 -33.15 -9.17 2.58
C ALA B 388 -32.94 -7.82 1.94
N LYS B 389 -31.73 -7.30 2.07
CA LYS B 389 -31.39 -5.96 1.60
C LYS B 389 -30.41 -6.09 0.45
N ILE B 390 -30.53 -5.21 -0.54
CA ILE B 390 -29.68 -5.27 -1.73
C ILE B 390 -29.76 -3.94 -2.46
N VAL B 391 -28.60 -3.47 -2.93
CA VAL B 391 -28.50 -2.39 -3.90
C VAL B 391 -27.54 -2.86 -4.97
N GLY B 392 -27.87 -2.60 -6.24
CA GLY B 392 -27.11 -3.13 -7.35
C GLY B 392 -26.72 -4.58 -7.14
N MET B 393 -25.43 -4.85 -7.05
CA MET B 393 -24.92 -6.20 -6.92
C MET B 393 -24.24 -6.43 -5.58
N MET B 394 -24.68 -5.75 -4.53
CA MET B 394 -24.24 -6.06 -3.18
C MET B 394 -25.47 -6.25 -2.32
N GLY B 395 -25.57 -7.40 -1.64
CA GLY B 395 -26.76 -7.71 -0.85
C GLY B 395 -26.48 -8.43 0.44
N SER B 396 -27.39 -8.30 1.40
CA SER B 396 -27.26 -8.99 2.67
C SER B 396 -28.61 -9.54 3.11
N ILE B 397 -28.54 -10.54 4.00
CA ILE B 397 -29.70 -11.08 4.69
C ILE B 397 -29.33 -11.18 6.16
N ALA B 398 -30.22 -10.69 7.02
CA ALA B 398 -30.10 -10.89 8.45
C ALA B 398 -30.73 -12.22 8.78
N LEU B 399 -29.97 -13.08 9.46
CA LEU B 399 -30.52 -14.31 10.04
C LEU B 399 -30.96 -14.01 11.46
N THR B 400 -32.17 -14.40 11.81
CA THR B 400 -32.73 -14.00 13.08
C THR B 400 -33.55 -15.16 13.64
N PRO B 401 -33.58 -15.31 14.96
CA PRO B 401 -34.49 -16.31 15.57
C PRO B 401 -35.93 -15.83 15.69
N ASN B 402 -36.20 -14.55 15.47
CA ASN B 402 -37.55 -14.01 15.56
C ASN B 402 -37.66 -12.84 14.60
N LYS B 403 -38.42 -13.02 13.53
CA LYS B 403 -38.63 -11.93 12.57
C LYS B 403 -39.40 -10.78 13.22
N GLU B 404 -40.33 -11.09 14.13
CA GLU B 404 -41.20 -10.07 14.70
C GLU B 404 -40.43 -9.10 15.58
N THR B 405 -39.57 -9.61 16.46
CA THR B 405 -38.81 -8.74 17.35
C THR B 405 -37.48 -8.28 16.76
N ARG B 406 -37.09 -8.81 15.60
CA ARG B 406 -35.78 -8.53 14.99
C ARG B 406 -34.64 -8.88 15.94
N ALA B 407 -34.88 -9.88 16.78
CA ALA B 407 -33.97 -10.17 17.87
C ALA B 407 -32.69 -10.82 17.38
N PRO B 408 -31.61 -10.68 18.14
CA PRO B 408 -30.41 -11.47 17.87
C PRO B 408 -30.54 -12.85 18.49
N PHE B 409 -29.74 -13.78 17.98
CA PHE B 409 -29.64 -15.08 18.61
C PHE B 409 -29.00 -14.94 19.98
N ALA B 410 -29.32 -15.88 20.88
CA ALA B 410 -28.68 -15.85 22.20
C ALA B 410 -27.18 -16.10 22.07
N ALA B 411 -26.78 -17.02 21.19
CA ALA B 411 -25.39 -17.38 21.03
C ALA B 411 -24.56 -16.19 20.55
N ASP B 412 -23.25 -16.28 20.79
CA ASP B 412 -22.29 -15.27 20.39
C ASP B 412 -22.51 -14.86 18.94
N THR B 413 -22.75 -13.57 18.72
CA THR B 413 -23.10 -13.07 17.40
C THR B 413 -22.14 -13.58 16.35
N GLY B 414 -22.66 -14.30 15.37
CA GLY B 414 -21.86 -14.88 14.32
C GLY B 414 -21.78 -16.38 14.37
N THR B 415 -22.31 -16.99 15.43
CA THR B 415 -22.39 -18.45 15.47
C THR B 415 -23.32 -18.98 14.37
N VAL B 416 -24.51 -18.40 14.23
CA VAL B 416 -25.42 -18.79 13.16
C VAL B 416 -24.85 -18.40 11.80
N GLY B 417 -24.21 -17.23 11.71
CA GLY B 417 -23.59 -16.85 10.45
C GLY B 417 -22.53 -17.83 10.01
N TYR B 418 -21.69 -18.25 10.95
CA TYR B 418 -20.59 -19.17 10.64
C TYR B 418 -21.11 -20.51 10.13
N LYS B 419 -22.21 -20.98 10.71
CA LYS B 419 -22.82 -22.24 10.29
C LYS B 419 -23.36 -22.14 8.88
N CYS B 420 -24.01 -21.03 8.57
CA CYS B 420 -24.49 -20.78 7.21
C CYS B 420 -23.33 -20.63 6.23
N ARG B 421 -22.28 -19.92 6.63
CA ARG B 421 -21.10 -19.79 5.79
C ARG B 421 -20.52 -21.16 5.45
N GLU B 422 -20.33 -22.00 6.46
CA GLU B 422 -19.79 -23.34 6.23
C GLU B 422 -20.71 -24.15 5.32
N HIS B 423 -22.02 -24.04 5.50
CA HIS B 423 -22.94 -24.75 4.61
C HIS B 423 -22.87 -24.22 3.18
N CYS B 424 -22.65 -22.91 3.00
CA CYS B 424 -22.51 -22.37 1.66
C CYS B 424 -21.30 -22.95 0.94
N PHE B 425 -20.12 -22.88 1.58
CA PHE B 425 -18.92 -23.40 0.95
C PHE B 425 -19.03 -24.89 0.72
N GLY B 426 -19.56 -25.62 1.70
CA GLY B 426 -19.83 -27.03 1.51
C GLY B 426 -20.77 -27.31 0.37
N ASN B 427 -21.58 -26.32 -0.01
CA ASN B 427 -22.45 -26.44 -1.17
C ASN B 427 -21.95 -25.62 -2.35
N ASN B 428 -20.65 -25.32 -2.38
CA ASN B 428 -19.96 -24.78 -3.55
C ASN B 428 -20.46 -23.39 -3.91
N LEU B 429 -20.73 -22.58 -2.91
CA LEU B 429 -21.11 -21.19 -3.12
C LEU B 429 -20.33 -20.31 -2.14
N VAL B 430 -19.83 -19.18 -2.64
CA VAL B 430 -19.05 -18.27 -1.81
C VAL B 430 -20.02 -17.20 -1.31
N MET B 431 -20.58 -17.44 -0.13
CA MET B 431 -21.39 -16.46 0.57
C MET B 431 -20.83 -16.33 1.97
N ARG B 432 -20.57 -15.11 2.41
CA ARG B 432 -19.82 -14.85 3.62
C ARG B 432 -20.75 -14.28 4.68
N HIS B 433 -20.36 -14.50 5.93
CA HIS B 433 -21.13 -14.00 7.06
C HIS B 433 -20.39 -12.85 7.72
N VAL B 434 -21.14 -11.85 8.15
CA VAL B 434 -20.65 -10.79 9.01
C VAL B 434 -21.59 -10.82 10.21
N GLY B 435 -21.12 -11.40 11.31
CA GLY B 435 -22.05 -11.69 12.39
C GLY B 435 -23.09 -12.66 11.85
N ASP B 436 -24.36 -12.35 12.10
CA ASP B 436 -25.44 -13.20 11.64
C ASP B 436 -26.14 -12.62 10.41
N ARG B 437 -25.47 -11.74 9.67
CA ARG B 437 -25.83 -11.38 8.31
C ARG B 437 -25.01 -12.23 7.34
N MET B 438 -25.63 -12.60 6.21
CA MET B 438 -24.88 -13.20 5.11
C MET B 438 -24.80 -12.17 3.98
N ILE B 439 -23.69 -12.18 3.23
CA ILE B 439 -23.46 -11.13 2.24
C ILE B 439 -23.07 -11.75 0.91
N ILE B 440 -23.45 -11.09 -0.18
CA ILE B 440 -22.98 -11.45 -1.52
C ILE B 440 -22.51 -10.18 -2.24
N SER B 441 -21.60 -10.38 -3.17
CA SER B 441 -21.09 -9.30 -4.00
C SER B 441 -20.55 -9.91 -5.28
N PRO B 442 -21.43 -10.46 -6.12
CA PRO B 442 -20.99 -11.28 -7.26
C PRO B 442 -20.46 -10.41 -8.37
N PRO B 443 -19.68 -10.97 -9.31
CA PRO B 443 -19.20 -10.15 -10.44
C PRO B 443 -20.38 -9.52 -11.16
N LEU B 444 -20.12 -8.32 -11.71
CA LEU B 444 -21.18 -7.53 -12.36
C LEU B 444 -21.65 -8.19 -13.64
N VAL B 445 -20.79 -8.96 -14.30
CA VAL B 445 -21.17 -9.67 -15.52
C VAL B 445 -22.04 -10.88 -15.27
N MET B 446 -22.35 -11.20 -14.00
CA MET B 446 -23.26 -12.31 -13.72
C MET B 446 -24.54 -12.24 -14.54
N THR B 447 -24.97 -13.40 -15.06
CA THR B 447 -26.19 -13.51 -15.85
C THR B 447 -27.32 -14.01 -14.97
N ARG B 448 -28.54 -13.97 -15.54
CA ARG B 448 -29.71 -14.39 -14.79
C ARG B 448 -29.65 -15.88 -14.44
N ASP B 449 -29.27 -16.73 -15.40
CA ASP B 449 -29.14 -18.14 -15.10
C ASP B 449 -28.17 -18.39 -13.96
N GLU B 450 -27.15 -17.55 -13.83
CA GLU B 450 -26.18 -17.68 -12.75
C GLU B 450 -26.78 -17.21 -11.42
N VAL B 451 -27.65 -16.20 -11.45
CA VAL B 451 -28.39 -15.80 -10.27
C VAL B 451 -29.20 -16.96 -9.72
N ASP B 452 -29.78 -17.78 -10.61
CA ASP B 452 -30.63 -18.88 -10.17
C ASP B 452 -29.83 -19.90 -9.34
N THR B 453 -28.65 -20.28 -9.83
CA THR B 453 -27.76 -21.16 -9.10
C THR B 453 -27.40 -20.58 -7.74
N LEU B 454 -27.00 -19.31 -7.70
CA LEU B 454 -26.73 -18.63 -6.44
C LEU B 454 -27.93 -18.76 -5.50
N ILE B 455 -29.12 -18.47 -6.01
CA ILE B 455 -30.30 -18.48 -5.16
C ILE B 455 -30.62 -19.90 -4.72
N GLU B 456 -30.49 -20.85 -5.64
CA GLU B 456 -30.66 -22.26 -5.32
C GLU B 456 -29.74 -22.68 -4.18
N ARG B 457 -28.45 -22.35 -4.30
CA ARG B 457 -27.49 -22.83 -3.31
C ARG B 457 -27.61 -22.05 -2.00
N ALA B 458 -27.89 -20.75 -2.08
CA ALA B 458 -28.11 -19.97 -0.87
C ALA B 458 -29.30 -20.51 -0.09
N THR B 459 -30.34 -20.95 -0.81
CA THR B 459 -31.54 -21.45 -0.13
C THR B 459 -31.30 -22.80 0.52
N ARG B 460 -30.59 -23.70 -0.18
CA ARG B 460 -30.20 -24.97 0.44
C ARG B 460 -29.34 -24.74 1.67
N ALA B 461 -28.35 -23.84 1.57
CA ALA B 461 -27.52 -23.55 2.73
C ALA B 461 -28.34 -22.96 3.87
N LEU B 462 -29.36 -22.16 3.53
CA LEU B 462 -30.20 -21.56 4.56
C LEU B 462 -31.09 -22.61 5.22
N ASP B 463 -31.58 -23.59 4.44
CA ASP B 463 -32.34 -24.69 5.02
C ASP B 463 -31.47 -25.54 5.94
N LEU B 464 -30.26 -25.87 5.50
CA LEU B 464 -29.38 -26.70 6.33
C LEU B 464 -29.00 -25.98 7.61
N THR B 465 -28.80 -24.66 7.54
CA THR B 465 -28.55 -23.88 8.75
C THR B 465 -29.76 -23.93 9.67
N PHE B 466 -30.96 -23.77 9.11
CA PHE B 466 -32.18 -23.80 9.92
C PHE B 466 -32.30 -25.11 10.68
N GLU B 467 -32.17 -26.24 9.99
CA GLU B 467 -32.35 -27.53 10.65
C GLU B 467 -31.28 -27.76 11.71
N GLN B 468 -30.04 -27.41 11.38
CA GLN B 468 -28.93 -27.63 12.29
C GLN B 468 -29.10 -26.80 13.56
N ILE B 469 -29.44 -25.52 13.39
CA ILE B 469 -29.69 -24.63 14.53
C ILE B 469 -30.80 -25.19 15.41
N LYS B 470 -31.93 -25.56 14.80
CA LYS B 470 -33.02 -26.18 15.57
C LYS B 470 -32.50 -27.39 16.33
N ALA B 471 -31.84 -28.32 15.62
CA ALA B 471 -31.35 -29.54 16.26
C ALA B 471 -30.37 -29.22 17.37
N GLU B 472 -29.45 -28.28 17.13
CA GLU B 472 -28.40 -27.99 18.09
C GLU B 472 -28.83 -27.04 19.21
N ASP B 473 -30.11 -26.66 19.30
CA ASP B 473 -30.59 -25.71 20.31
C ASP B 473 -29.75 -24.43 20.21
N LEU B 474 -30.02 -23.66 19.16
CA LEU B 474 -29.52 -22.31 19.01
C LEU B 474 -30.57 -21.37 18.43
N TYR B 475 -31.79 -21.86 18.21
CA TYR B 475 -32.90 -21.05 17.73
C TYR B 475 -33.65 -20.50 18.93
N LYS B 476 -33.20 -19.35 19.42
CA LYS B 476 -33.86 -18.57 20.47
C LYS B 476 -33.09 -17.27 20.64
N SER B 477 -33.73 -16.31 21.29
CA SER B 477 -33.18 -14.97 21.51
C SER B 477 -32.89 -14.70 22.99
#